data_4DQ0
#
_entry.id   4DQ0
#
_cell.length_a   174.870
_cell.length_b   61.034
_cell.length_c   77.145
_cell.angle_alpha   90.00
_cell.angle_beta   90.00
_cell.angle_gamma   90.00
#
_symmetry.space_group_name_H-M   'P 21 21 2'
#
loop_
_entity.id
_entity.type
_entity.pdbx_description
1 polymer 'Tellurite resistance protein'
2 non-polymer '2-[N-CYCLOHEXYLAMINO]ETHANE SULFONIC ACID'
3 water water
#
_entity_poly.entity_id   1
_entity_poly.type   'polypeptide(L)'
_entity_poly.pdbx_seq_one_letter_code
;SNAMIIRDENYFTDKYELTRTHSEVLEAVKVVKPGKTLDLGCGNGRNSLYLAANGYDVDAWDKNAMSIANVERIKSIENL
DNLHTRVVDLNNLTFDGEYDFILSTVVLMFLEAKTIPGLIANMQRCTKPGGYNLIVAAMDTADYPCTVGFPFAFKEGELR
RYYEGWEMVKYNEDVGELHRTDANGNRIKLRFATMLARKK
;
_entity_poly.pdbx_strand_id   A,B,C,D
#
loop_
_chem_comp.id
_chem_comp.type
_chem_comp.name
_chem_comp.formula
NHE non-polymer '2-[N-CYCLOHEXYLAMINO]ETHANE SULFONIC ACID' 'C8 H17 N O3 S'
#
# COMPACT_ATOMS: atom_id res chain seq x y z
N ILE A 6 -39.69 -24.20 10.52
CA ILE A 6 -39.60 -22.83 10.02
C ILE A 6 -38.16 -22.44 9.65
N ARG A 7 -37.99 -21.94 8.43
CA ARG A 7 -36.66 -21.56 7.94
C ARG A 7 -36.25 -20.17 8.42
N ASP A 8 -35.70 -20.10 9.63
CA ASP A 8 -35.22 -18.85 10.21
C ASP A 8 -33.69 -18.88 10.28
N GLU A 9 -33.09 -18.01 11.09
CA GLU A 9 -31.63 -17.89 11.09
C GLU A 9 -30.93 -18.98 11.91
N ASN A 10 -31.70 -19.89 12.49
CA ASN A 10 -31.14 -21.02 13.22
C ASN A 10 -31.38 -22.36 12.52
N TYR A 11 -32.27 -22.37 11.52
CA TYR A 11 -32.66 -23.60 10.85
C TYR A 11 -31.51 -24.33 10.18
N PHE A 12 -30.91 -23.68 9.18
CA PHE A 12 -29.78 -24.23 8.46
C PHE A 12 -28.55 -24.30 9.36
N THR A 13 -28.37 -23.26 10.16
CA THR A 13 -27.28 -23.17 11.13
C THR A 13 -27.17 -24.45 11.97
N ASP A 14 -28.28 -24.84 12.58
CA ASP A 14 -28.31 -26.04 13.43
C ASP A 14 -28.36 -27.35 12.64
N LYS A 15 -29.24 -27.41 11.65
CA LYS A 15 -29.41 -28.64 10.87
C LYS A 15 -28.16 -29.05 10.11
N TYR A 16 -27.40 -28.10 9.61
CA TYR A 16 -26.29 -28.45 8.72
C TYR A 16 -24.93 -27.97 9.23
N GLU A 17 -24.89 -27.53 10.47
CA GLU A 17 -23.64 -27.12 11.11
C GLU A 17 -22.98 -25.98 10.35
N LEU A 18 -23.73 -24.93 10.05
CA LEU A 18 -23.17 -23.78 9.34
C LEU A 18 -23.07 -22.58 10.27
N THR A 19 -22.17 -21.65 9.93
CA THR A 19 -22.11 -20.39 10.64
C THR A 19 -23.48 -19.69 10.52
N ARG A 20 -23.93 -19.07 11.61
CA ARG A 20 -25.24 -18.41 11.64
C ARG A 20 -25.39 -17.33 10.55
N THR A 21 -26.60 -17.19 10.01
CA THR A 21 -26.89 -16.15 9.03
C THR A 21 -26.27 -14.83 9.51
N HIS A 22 -25.62 -14.10 8.60
CA HIS A 22 -24.99 -12.82 8.96
C HIS A 22 -26.02 -11.81 9.43
N SER A 23 -25.71 -11.15 10.55
CA SER A 23 -26.58 -10.15 11.16
C SER A 23 -27.10 -9.13 10.16
N GLU A 24 -26.23 -8.67 9.27
CA GLU A 24 -26.57 -7.59 8.34
C GLU A 24 -27.55 -8.07 7.27
N VAL A 25 -27.51 -9.37 6.98
CA VAL A 25 -28.46 -9.93 6.03
C VAL A 25 -29.83 -9.98 6.69
N LEU A 26 -29.85 -10.38 7.96
CA LEU A 26 -31.09 -10.41 8.74
C LEU A 26 -31.71 -9.01 8.85
N GLU A 27 -30.86 -8.01 9.00
CA GLU A 27 -31.34 -6.64 8.98
C GLU A 27 -31.83 -6.24 7.59
N ALA A 28 -31.08 -6.66 6.56
CA ALA A 28 -31.36 -6.20 5.20
C ALA A 28 -32.72 -6.66 4.65
N VAL A 29 -33.15 -7.86 5.05
CA VAL A 29 -34.42 -8.40 4.57
C VAL A 29 -35.62 -7.70 5.21
N LYS A 30 -35.34 -6.78 6.12
CA LYS A 30 -36.38 -5.90 6.66
C LYS A 30 -36.74 -4.75 5.73
N VAL A 31 -35.87 -4.46 4.77
CA VAL A 31 -36.16 -3.43 3.77
C VAL A 31 -36.15 -3.94 2.35
N VAL A 32 -35.24 -4.88 2.06
CA VAL A 32 -35.17 -5.45 0.72
C VAL A 32 -36.20 -6.59 0.58
N LYS A 33 -37.18 -6.39 -0.29
CA LYS A 33 -38.20 -7.40 -0.56
C LYS A 33 -37.61 -8.59 -1.33
N PRO A 34 -38.26 -9.76 -1.25
CA PRO A 34 -37.77 -10.87 -2.05
C PRO A 34 -37.65 -10.51 -3.53
N GLY A 35 -36.56 -10.95 -4.16
CA GLY A 35 -36.32 -10.65 -5.56
C GLY A 35 -35.09 -11.38 -6.04
N LYS A 36 -34.64 -11.06 -7.26
CA LYS A 36 -33.50 -11.76 -7.86
C LYS A 36 -32.18 -11.33 -7.22
N THR A 37 -31.44 -12.31 -6.72
CA THR A 37 -30.36 -12.03 -5.79
C THR A 37 -29.05 -12.72 -6.13
N LEU A 38 -27.96 -11.97 -5.97
CA LEU A 38 -26.62 -12.48 -6.16
C LEU A 38 -25.84 -12.47 -4.83
N ASP A 39 -25.46 -13.66 -4.36
CA ASP A 39 -24.64 -13.79 -3.17
C ASP A 39 -23.20 -14.00 -3.63
N LEU A 40 -22.45 -12.91 -3.72
CA LEU A 40 -21.12 -12.92 -4.32
C LEU A 40 -20.06 -13.36 -3.32
N GLY A 41 -19.71 -14.65 -3.35
CA GLY A 41 -18.83 -15.23 -2.36
C GLY A 41 -19.69 -15.76 -1.23
N CYS A 42 -20.56 -16.72 -1.55
CA CYS A 42 -21.56 -17.21 -0.59
C CYS A 42 -20.94 -17.98 0.57
N GLY A 43 -19.64 -18.27 0.48
CA GLY A 43 -18.96 -19.06 1.49
C GLY A 43 -19.63 -20.43 1.64
N ASN A 44 -20.05 -20.73 2.87
CA ASN A 44 -20.72 -22.00 3.14
C ASN A 44 -22.22 -22.01 2.76
N GLY A 45 -22.72 -20.89 2.25
CA GLY A 45 -24.11 -20.79 1.80
C GLY A 45 -25.13 -20.32 2.82
N ARG A 46 -24.71 -20.07 4.05
CA ARG A 46 -25.63 -19.65 5.12
C ARG A 46 -26.61 -18.59 4.66
N ASN A 47 -26.11 -17.51 4.08
CA ASN A 47 -26.95 -16.42 3.59
C ASN A 47 -27.76 -16.81 2.37
N SER A 48 -27.15 -17.56 1.44
CA SER A 48 -27.87 -18.02 0.25
C SER A 48 -29.04 -18.94 0.62
N LEU A 49 -28.78 -19.89 1.50
CA LEU A 49 -29.84 -20.79 1.99
C LEU A 49 -30.97 -20.03 2.69
N TYR A 50 -30.62 -19.21 3.67
CA TYR A 50 -31.59 -18.37 4.35
C TYR A 50 -32.48 -17.61 3.36
N LEU A 51 -31.87 -17.02 2.34
CA LEU A 51 -32.61 -16.18 1.41
C LEU A 51 -33.47 -16.99 0.44
N ALA A 52 -32.92 -18.07 -0.08
CA ALA A 52 -33.67 -18.90 -1.00
C ALA A 52 -34.88 -19.50 -0.28
N ALA A 53 -34.73 -19.76 1.02
CA ALA A 53 -35.79 -20.37 1.81
C ALA A 53 -36.87 -19.35 2.16
N ASN A 54 -36.56 -18.08 1.97
CA ASN A 54 -37.54 -17.04 2.27
C ASN A 54 -38.02 -16.26 1.05
N GLY A 55 -38.01 -16.90 -0.11
CA GLY A 55 -38.61 -16.31 -1.30
C GLY A 55 -37.69 -15.62 -2.31
N TYR A 56 -36.42 -15.46 -1.96
CA TYR A 56 -35.48 -14.81 -2.88
C TYR A 56 -35.00 -15.79 -3.96
N ASP A 57 -34.87 -15.31 -5.19
CA ASP A 57 -34.25 -16.11 -6.25
C ASP A 57 -32.73 -15.87 -6.28
N VAL A 58 -31.96 -16.83 -5.78
CA VAL A 58 -30.56 -16.63 -5.44
C VAL A 58 -29.59 -17.30 -6.39
N ASP A 59 -28.61 -16.52 -6.85
CA ASP A 59 -27.41 -17.07 -7.48
C ASP A 59 -26.28 -17.07 -6.45
N ALA A 60 -25.86 -18.26 -6.04
CA ALA A 60 -24.82 -18.40 -5.03
C ALA A 60 -23.48 -18.78 -5.64
N TRP A 61 -22.48 -17.91 -5.53
CA TRP A 61 -21.19 -18.15 -6.16
C TRP A 61 -20.05 -18.13 -5.13
N ASP A 62 -19.10 -19.05 -5.28
CA ASP A 62 -17.91 -19.07 -4.41
C ASP A 62 -16.79 -19.82 -5.11
N LYS A 63 -15.55 -19.63 -4.64
CA LYS A 63 -14.41 -20.26 -5.29
C LYS A 63 -14.17 -21.67 -4.79
N ASN A 64 -14.71 -21.97 -3.62
CA ASN A 64 -14.52 -23.27 -3.01
C ASN A 64 -15.51 -24.31 -3.53
N ALA A 65 -15.03 -25.22 -4.37
CA ALA A 65 -15.87 -26.27 -4.94
C ALA A 65 -16.60 -27.14 -3.90
N MET A 66 -15.93 -27.46 -2.80
CA MET A 66 -16.52 -28.28 -1.72
C MET A 66 -17.74 -27.66 -1.06
N SER A 67 -17.63 -26.39 -0.68
CA SER A 67 -18.75 -25.62 -0.14
C SER A 67 -19.90 -25.57 -1.13
N ILE A 68 -19.61 -25.24 -2.40
CA ILE A 68 -20.63 -25.28 -3.46
C ILE A 68 -21.28 -26.66 -3.61
N ALA A 69 -20.49 -27.74 -3.54
CA ALA A 69 -21.08 -29.08 -3.56
C ALA A 69 -21.96 -29.31 -2.32
N ASN A 70 -21.52 -28.82 -1.16
CA ASN A 70 -22.34 -28.91 0.06
C ASN A 70 -23.64 -28.14 -0.08
N VAL A 71 -23.58 -26.97 -0.69
CA VAL A 71 -24.78 -26.18 -0.87
C VAL A 71 -25.72 -26.90 -1.83
N GLU A 72 -25.17 -27.46 -2.91
CA GLU A 72 -25.94 -28.25 -3.87
C GLU A 72 -26.62 -29.45 -3.19
N ARG A 73 -25.88 -30.11 -2.31
CA ARG A 73 -26.42 -31.25 -1.58
C ARG A 73 -27.61 -30.82 -0.71
N ILE A 74 -27.42 -29.77 0.07
CA ILE A 74 -28.47 -29.25 0.92
C ILE A 74 -29.65 -28.74 0.09
N LYS A 75 -29.35 -28.17 -1.08
CA LYS A 75 -30.40 -27.69 -1.98
C LYS A 75 -31.34 -28.83 -2.36
N SER A 76 -30.77 -29.98 -2.71
CA SER A 76 -31.57 -31.16 -3.09
C SER A 76 -32.45 -31.67 -1.96
N ILE A 77 -31.90 -31.75 -0.76
CA ILE A 77 -32.67 -32.19 0.39
C ILE A 77 -33.84 -31.24 0.70
N GLU A 78 -33.59 -29.93 0.67
CA GLU A 78 -34.59 -28.93 1.05
C GLU A 78 -35.50 -28.55 -0.12
N ASN A 79 -35.22 -29.09 -1.31
CA ASN A 79 -36.01 -28.80 -2.50
C ASN A 79 -36.10 -27.32 -2.82
N LEU A 80 -34.99 -26.61 -2.62
CA LEU A 80 -34.90 -25.20 -2.94
C LEU A 80 -34.63 -24.98 -4.44
N ASP A 81 -35.69 -25.01 -5.23
CA ASP A 81 -35.57 -24.89 -6.67
C ASP A 81 -35.06 -23.51 -7.13
N ASN A 82 -35.04 -22.54 -6.23
CA ASN A 82 -34.75 -21.15 -6.58
C ASN A 82 -33.34 -20.71 -6.19
N LEU A 83 -32.50 -21.69 -5.88
CA LEU A 83 -31.13 -21.49 -5.48
C LEU A 83 -30.24 -22.14 -6.54
N HIS A 84 -29.37 -21.34 -7.15
CA HIS A 84 -28.49 -21.81 -8.20
C HIS A 84 -27.04 -21.48 -7.87
N THR A 85 -26.18 -22.48 -7.96
CA THR A 85 -24.79 -22.29 -7.57
C THR A 85 -23.80 -22.25 -8.73
N ARG A 86 -22.71 -21.53 -8.53
CA ARG A 86 -21.56 -21.57 -9.44
C ARG A 86 -20.26 -21.48 -8.65
N VAL A 87 -19.27 -22.19 -9.14
CA VAL A 87 -17.91 -22.12 -8.60
C VAL A 87 -17.12 -21.11 -9.45
N VAL A 88 -16.62 -20.06 -8.79
CA VAL A 88 -16.02 -18.93 -9.47
C VAL A 88 -14.85 -18.30 -8.69
N ASP A 89 -13.83 -17.87 -9.42
CA ASP A 89 -12.72 -17.11 -8.85
C ASP A 89 -13.01 -15.61 -8.89
N LEU A 90 -13.29 -15.03 -7.73
CA LEU A 90 -13.63 -13.62 -7.63
C LEU A 90 -12.52 -12.70 -8.12
N ASN A 91 -11.26 -13.12 -8.00
CA ASN A 91 -10.16 -12.28 -8.49
C ASN A 91 -10.08 -12.32 -10.01
N ASN A 92 -10.86 -13.19 -10.64
CA ASN A 92 -10.83 -13.35 -12.10
C ASN A 92 -12.20 -13.41 -12.71
N LEU A 93 -13.06 -12.48 -12.32
CA LEU A 93 -14.48 -12.63 -12.61
C LEU A 93 -15.08 -11.39 -13.23
N THR A 94 -15.81 -11.61 -14.32
CA THR A 94 -16.68 -10.61 -14.89
C THR A 94 -18.03 -11.29 -15.08
N PHE A 95 -19.13 -10.57 -14.89
CA PHE A 95 -20.44 -11.18 -15.04
C PHE A 95 -21.46 -10.21 -15.60
N ASP A 96 -22.49 -10.78 -16.24
CA ASP A 96 -23.63 -10.00 -16.71
C ASP A 96 -24.86 -10.41 -15.94
N GLY A 97 -25.89 -9.56 -15.98
CA GLY A 97 -27.12 -9.84 -15.28
C GLY A 97 -27.77 -8.60 -14.71
N GLU A 98 -28.97 -8.80 -14.16
CA GLU A 98 -29.77 -7.76 -13.53
C GLU A 98 -30.34 -8.30 -12.22
N TYR A 99 -29.89 -7.76 -11.10
CA TYR A 99 -30.31 -8.24 -9.79
C TYR A 99 -31.00 -7.16 -8.98
N ASP A 100 -31.93 -7.55 -8.14
CA ASP A 100 -32.57 -6.63 -7.23
C ASP A 100 -31.69 -6.44 -6.00
N PHE A 101 -30.82 -7.42 -5.77
CA PHE A 101 -30.07 -7.49 -4.53
C PHE A 101 -28.77 -8.23 -4.78
N ILE A 102 -27.65 -7.60 -4.43
CA ILE A 102 -26.34 -8.24 -4.47
C ILE A 102 -25.70 -8.03 -3.11
N LEU A 103 -25.22 -9.12 -2.52
CA LEU A 103 -24.57 -9.04 -1.21
C LEU A 103 -23.19 -9.66 -1.25
N SER A 104 -22.37 -9.19 -0.34
CA SER A 104 -20.97 -9.55 -0.28
C SER A 104 -20.53 -9.25 1.15
N THR A 105 -20.68 -10.27 1.99
CA THR A 105 -20.44 -10.13 3.42
C THR A 105 -19.15 -10.82 3.84
N VAL A 106 -18.22 -10.03 4.37
CA VAL A 106 -16.87 -10.45 4.73
C VAL A 106 -16.21 -11.33 3.68
N VAL A 107 -16.13 -10.78 2.47
CA VAL A 107 -15.55 -11.46 1.31
C VAL A 107 -14.41 -10.64 0.67
N LEU A 108 -14.64 -9.35 0.51
CA LEU A 108 -13.75 -8.49 -0.25
C LEU A 108 -12.35 -8.42 0.35
N MET A 109 -12.22 -8.47 1.67
CA MET A 109 -10.92 -8.31 2.31
C MET A 109 -9.96 -9.42 1.93
N PHE A 110 -10.49 -10.50 1.35
CA PHE A 110 -9.66 -11.65 1.00
C PHE A 110 -9.21 -11.60 -0.45
N LEU A 111 -9.67 -10.59 -1.18
CA LEU A 111 -9.34 -10.45 -2.59
C LEU A 111 -8.11 -9.54 -2.78
N GLU A 112 -7.45 -9.68 -3.92
CA GLU A 112 -6.34 -8.78 -4.25
C GLU A 112 -6.86 -7.36 -4.40
N ALA A 113 -6.09 -6.38 -3.92
CA ALA A 113 -6.52 -4.99 -4.00
C ALA A 113 -6.85 -4.55 -5.43
N LYS A 114 -6.07 -5.01 -6.41
CA LYS A 114 -6.30 -4.68 -7.82
C LYS A 114 -7.66 -5.18 -8.33
N THR A 115 -8.27 -6.11 -7.62
CA THR A 115 -9.56 -6.70 -8.02
C THR A 115 -10.74 -5.80 -7.72
N ILE A 116 -10.65 -5.07 -6.62
CA ILE A 116 -11.78 -4.33 -6.07
C ILE A 116 -12.51 -3.33 -6.99
N PRO A 117 -11.76 -2.44 -7.65
CA PRO A 117 -12.46 -1.37 -8.40
C PRO A 117 -13.39 -1.94 -9.48
N GLY A 118 -12.87 -2.90 -10.25
CA GLY A 118 -13.64 -3.53 -11.31
C GLY A 118 -14.76 -4.41 -10.79
N LEU A 119 -14.53 -5.07 -9.66
CA LEU A 119 -15.55 -5.95 -9.11
C LEU A 119 -16.72 -5.12 -8.62
N ILE A 120 -16.43 -4.06 -7.86
CA ILE A 120 -17.49 -3.16 -7.42
C ILE A 120 -18.26 -2.53 -8.62
N ALA A 121 -17.54 -2.11 -9.65
CA ALA A 121 -18.15 -1.54 -10.84
C ALA A 121 -19.11 -2.55 -11.50
N ASN A 122 -18.70 -3.81 -11.55
CA ASN A 122 -19.53 -4.90 -12.07
C ASN A 122 -20.80 -5.09 -11.21
N MET A 123 -20.63 -5.18 -9.90
CA MET A 123 -21.76 -5.25 -8.98
C MET A 123 -22.78 -4.15 -9.30
N GLN A 124 -22.27 -2.93 -9.46
CA GLN A 124 -23.12 -1.77 -9.70
C GLN A 124 -23.89 -1.79 -11.02
N ARG A 125 -23.25 -2.15 -12.13
CA ARG A 125 -23.95 -2.11 -13.41
C ARG A 125 -24.97 -3.24 -13.49
N CYS A 126 -24.74 -4.28 -12.71
CA CYS A 126 -25.63 -5.44 -12.70
C CYS A 126 -26.74 -5.34 -11.66
N THR A 127 -26.88 -4.17 -11.06
CA THR A 127 -27.96 -3.91 -10.12
C THR A 127 -29.04 -3.10 -10.82
N LYS A 128 -30.29 -3.53 -10.68
CA LYS A 128 -31.43 -2.81 -11.26
C LYS A 128 -31.61 -1.48 -10.55
N PRO A 129 -32.06 -0.45 -11.29
CA PRO A 129 -32.45 0.80 -10.63
C PRO A 129 -33.44 0.46 -9.52
N GLY A 130 -33.26 1.06 -8.35
CA GLY A 130 -34.06 0.70 -7.20
C GLY A 130 -33.56 -0.55 -6.49
N GLY A 131 -32.52 -1.17 -7.04
CA GLY A 131 -31.92 -2.36 -6.44
C GLY A 131 -31.00 -1.99 -5.28
N TYR A 132 -30.54 -3.00 -4.53
CA TYR A 132 -29.66 -2.78 -3.39
C TYR A 132 -28.35 -3.55 -3.49
N ASN A 133 -27.30 -2.96 -2.92
CA ASN A 133 -26.06 -3.67 -2.65
C ASN A 133 -25.77 -3.66 -1.15
N LEU A 134 -25.41 -4.83 -0.62
CA LEU A 134 -25.03 -4.95 0.77
C LEU A 134 -23.56 -5.37 0.84
N ILE A 135 -22.74 -4.57 1.49
CA ILE A 135 -21.34 -4.88 1.63
C ILE A 135 -20.88 -4.76 3.10
N VAL A 136 -20.18 -5.78 3.57
CA VAL A 136 -19.50 -5.75 4.86
C VAL A 136 -18.05 -6.20 4.63
N ALA A 137 -17.09 -5.37 5.06
CA ALA A 137 -15.67 -5.67 4.87
C ALA A 137 -14.77 -4.93 5.87
N ALA A 138 -13.63 -5.55 6.19
CA ALA A 138 -12.65 -4.96 7.10
C ALA A 138 -12.09 -3.65 6.56
N MET A 139 -11.57 -2.81 7.47
CA MET A 139 -10.99 -1.52 7.12
C MET A 139 -9.54 -1.40 7.58
N ASP A 140 -8.87 -0.38 7.07
CA ASP A 140 -7.51 -0.03 7.49
C ASP A 140 -7.55 1.49 7.64
N THR A 141 -7.52 1.97 8.88
CA THR A 141 -7.69 3.38 9.16
C THR A 141 -6.55 3.85 10.05
N ALA A 142 -6.35 5.16 10.14
CA ALA A 142 -5.28 5.70 10.98
C ALA A 142 -5.42 5.33 12.46
N ASP A 143 -6.63 5.30 13.00
CA ASP A 143 -6.79 4.92 14.41
C ASP A 143 -6.85 3.38 14.61
N TYR A 144 -7.21 2.64 13.58
CA TYR A 144 -7.12 1.18 13.61
C TYR A 144 -6.46 0.65 12.35
N PRO A 145 -5.13 0.76 12.27
CA PRO A 145 -4.46 0.17 11.11
C PRO A 145 -4.74 -1.33 11.04
N CYS A 146 -4.87 -1.87 9.83
CA CYS A 146 -5.07 -3.32 9.69
C CYS A 146 -3.88 -4.10 10.29
N THR A 147 -4.18 -4.89 11.30
CA THR A 147 -3.16 -5.68 11.99
C THR A 147 -3.22 -7.15 11.55
N VAL A 148 -4.22 -7.50 10.77
CA VAL A 148 -4.41 -8.88 10.33
C VAL A 148 -3.62 -9.21 9.07
N GLY A 149 -3.50 -8.24 8.16
CA GLY A 149 -2.78 -8.48 6.94
C GLY A 149 -3.66 -8.98 5.79
N PHE A 150 -4.96 -8.68 5.86
CA PHE A 150 -5.86 -8.94 4.74
C PHE A 150 -5.27 -8.38 3.46
N PRO A 151 -5.28 -9.17 2.38
CA PRO A 151 -4.79 -8.62 1.12
C PRO A 151 -5.53 -7.33 0.75
N PHE A 152 -6.77 -7.17 1.20
CA PHE A 152 -7.46 -5.90 0.97
C PHE A 152 -8.24 -5.40 2.20
N ALA A 153 -8.33 -4.08 2.34
CA ALA A 153 -9.14 -3.45 3.37
C ALA A 153 -9.54 -2.02 2.97
N PHE A 154 -10.78 -1.61 3.26
CA PHE A 154 -11.21 -0.27 2.88
C PHE A 154 -10.56 0.82 3.73
N LYS A 155 -10.26 1.96 3.11
CA LYS A 155 -9.84 3.14 3.86
C LYS A 155 -11.06 3.96 4.23
N GLU A 156 -10.87 4.92 5.12
CA GLU A 156 -11.94 5.77 5.61
C GLU A 156 -12.70 6.44 4.44
N GLY A 157 -14.02 6.29 4.41
CA GLY A 157 -14.82 6.94 3.39
C GLY A 157 -14.75 6.29 2.01
N GLU A 158 -13.84 5.33 1.85
CA GLU A 158 -13.62 4.71 0.55
C GLU A 158 -14.88 4.01 -0.01
N LEU A 159 -15.54 3.19 0.81
CA LEU A 159 -16.69 2.45 0.29
C LEU A 159 -17.82 3.44 -0.05
N ARG A 160 -18.08 4.38 0.86
CA ARG A 160 -19.01 5.48 0.60
C ARG A 160 -18.79 6.12 -0.76
N ARG A 161 -17.54 6.46 -1.07
CA ARG A 161 -17.23 7.11 -2.34
C ARG A 161 -17.46 6.18 -3.52
N TYR A 162 -17.08 4.92 -3.38
CA TYR A 162 -17.39 3.95 -4.42
C TYR A 162 -18.85 4.05 -4.88
N TYR A 163 -19.74 4.29 -3.91
CA TYR A 163 -21.18 4.32 -4.11
C TYR A 163 -21.81 5.72 -4.20
N GLU A 164 -20.99 6.71 -4.58
CA GLU A 164 -21.51 8.04 -4.90
C GLU A 164 -22.66 7.90 -5.89
N GLY A 165 -23.79 8.55 -5.63
CA GLY A 165 -24.95 8.45 -6.49
C GLY A 165 -25.97 7.40 -6.06
N TRP A 166 -25.58 6.51 -5.15
CA TRP A 166 -26.54 5.60 -4.50
C TRP A 166 -27.04 6.21 -3.20
N GLU A 167 -28.21 5.77 -2.75
CA GLU A 167 -28.73 6.17 -1.45
C GLU A 167 -28.10 5.32 -0.35
N MET A 168 -27.46 5.97 0.62
CA MET A 168 -26.93 5.24 1.77
C MET A 168 -28.06 4.95 2.77
N VAL A 169 -28.67 3.79 2.64
CA VAL A 169 -29.75 3.44 3.56
C VAL A 169 -29.15 3.16 4.92
N LYS A 170 -28.06 2.40 4.92
CA LYS A 170 -27.26 2.16 6.11
C LYS A 170 -25.77 2.28 5.73
N TYR A 171 -24.99 2.94 6.57
CA TYR A 171 -23.57 3.07 6.33
C TYR A 171 -22.87 3.41 7.61
N ASN A 172 -21.86 2.62 7.95
CA ASN A 172 -21.05 2.95 9.10
C ASN A 172 -19.66 2.36 8.98
N GLU A 173 -18.73 2.95 9.72
CA GLU A 173 -17.37 2.45 9.74
C GLU A 173 -17.00 2.14 11.18
N ASP A 174 -17.98 1.60 11.90
CA ASP A 174 -17.88 1.38 13.35
C ASP A 174 -16.75 0.43 13.74
N VAL A 175 -16.23 0.62 14.96
CA VAL A 175 -15.25 -0.29 15.55
C VAL A 175 -15.95 -1.60 15.92
N GLY A 176 -15.40 -2.70 15.40
CA GLY A 176 -15.90 -4.02 15.75
C GLY A 176 -14.77 -4.82 16.35
N GLU A 177 -14.89 -6.14 16.27
CA GLU A 177 -13.85 -6.98 16.83
C GLU A 177 -13.85 -8.37 16.26
N LEU A 178 -12.66 -8.94 16.21
CA LEU A 178 -12.51 -10.37 15.99
C LEU A 178 -12.43 -10.98 17.37
N HIS A 179 -13.37 -11.87 17.67
CA HIS A 179 -13.41 -12.50 18.98
C HIS A 179 -13.56 -14.01 18.91
N ARG A 180 -13.25 -14.66 20.03
CA ARG A 180 -13.38 -16.09 20.18
C ARG A 180 -14.31 -16.42 21.34
N THR A 181 -15.01 -17.55 21.23
CA THR A 181 -15.88 -18.01 22.31
C THR A 181 -15.10 -18.75 23.38
N ASP A 182 -13.77 -18.71 23.31
CA ASP A 182 -12.95 -19.43 24.29
C ASP A 182 -12.51 -18.54 25.44
N ALA A 183 -12.29 -19.14 26.60
CA ALA A 183 -11.91 -18.43 27.83
C ALA A 183 -10.70 -17.52 27.63
N ASN A 184 -9.56 -18.13 27.31
CA ASN A 184 -8.36 -17.38 26.98
C ASN A 184 -8.27 -17.12 25.49
N GLY A 185 -9.16 -16.26 25.01
CA GLY A 185 -9.18 -15.85 23.62
C GLY A 185 -9.19 -14.34 23.53
N ASN A 186 -8.09 -13.76 23.07
CA ASN A 186 -7.98 -12.31 22.97
C ASN A 186 -8.90 -11.71 21.90
N ARG A 187 -9.34 -10.47 22.14
CA ARG A 187 -10.19 -9.76 21.20
C ARG A 187 -9.42 -8.66 20.46
N ILE A 188 -9.50 -8.70 19.12
CA ILE A 188 -8.83 -7.75 18.26
C ILE A 188 -9.81 -6.70 17.76
N LYS A 189 -9.62 -5.45 18.17
CA LYS A 189 -10.47 -4.38 17.67
C LYS A 189 -10.01 -3.91 16.30
N LEU A 190 -10.97 -3.67 15.43
CA LEU A 190 -10.67 -3.08 14.14
C LEU A 190 -11.97 -2.52 13.57
N ARG A 191 -11.87 -1.59 12.62
CA ARG A 191 -13.08 -1.06 11.96
C ARG A 191 -13.57 -1.94 10.81
N PHE A 192 -14.89 -1.98 10.64
CA PHE A 192 -15.50 -2.65 9.50
C PHE A 192 -16.35 -1.63 8.78
N ALA A 193 -16.35 -1.67 7.46
CA ALA A 193 -17.26 -0.85 6.67
C ALA A 193 -18.49 -1.70 6.36
N THR A 194 -19.65 -1.14 6.67
CA THR A 194 -20.93 -1.86 6.53
C THR A 194 -21.85 -0.92 5.81
N MET A 195 -22.39 -1.37 4.68
CA MET A 195 -23.20 -0.52 3.82
C MET A 195 -24.39 -1.27 3.26
N LEU A 196 -25.58 -0.68 3.39
CA LEU A 196 -26.73 -1.04 2.57
C LEU A 196 -27.04 0.15 1.67
N ALA A 197 -26.78 0.00 0.37
CA ALA A 197 -26.95 1.07 -0.60
C ALA A 197 -28.09 0.78 -1.56
N ARG A 198 -28.87 1.80 -1.93
CA ARG A 198 -29.90 1.56 -2.92
C ARG A 198 -29.61 2.38 -4.17
N LYS A 199 -29.72 1.74 -5.33
CA LYS A 199 -29.41 2.39 -6.59
C LYS A 199 -30.55 3.26 -7.10
N LYS A 200 -30.23 4.45 -7.58
CA LYS A 200 -31.21 5.38 -8.11
C LYS A 200 -31.58 5.03 -9.55
N ALA B 3 21.22 -6.90 31.74
CA ALA B 3 20.84 -5.49 31.81
C ALA B 3 19.37 -5.28 31.40
N MET B 4 18.58 -6.35 31.47
CA MET B 4 17.21 -6.34 30.97
C MET B 4 16.21 -5.61 31.88
N ILE B 5 15.34 -4.79 31.29
CA ILE B 5 14.41 -4.00 32.07
C ILE B 5 13.21 -4.80 32.57
N ILE B 6 12.96 -4.76 33.88
CA ILE B 6 11.88 -5.54 34.45
C ILE B 6 10.53 -4.94 34.07
N ARG B 7 9.77 -5.67 33.26
CA ARG B 7 8.37 -5.29 33.04
C ARG B 7 7.52 -6.56 32.93
N ASP B 8 6.22 -6.48 33.20
CA ASP B 8 5.43 -7.71 33.16
C ASP B 8 5.08 -8.09 31.73
N GLU B 9 4.80 -9.36 31.51
CA GLU B 9 4.74 -9.84 30.14
C GLU B 9 3.68 -9.11 29.31
N ASN B 10 2.71 -8.50 29.99
CA ASN B 10 1.63 -7.80 29.29
C ASN B 10 1.85 -6.29 29.14
N TYR B 11 3.05 -5.85 29.51
CA TYR B 11 3.40 -4.43 29.49
C TYR B 11 2.94 -3.65 28.26
N PHE B 12 3.30 -4.11 27.06
CA PHE B 12 3.00 -3.38 25.83
C PHE B 12 1.53 -3.47 25.47
N THR B 13 1.00 -4.67 25.66
CA THR B 13 -0.39 -4.99 25.38
C THR B 13 -1.33 -4.07 26.13
N ASP B 14 -1.00 -3.83 27.39
CA ASP B 14 -1.86 -3.03 28.24
C ASP B 14 -1.57 -1.55 28.02
N LYS B 15 -0.30 -1.19 27.96
CA LYS B 15 0.09 0.21 27.88
C LYS B 15 -0.23 0.86 26.52
N TYR B 16 -0.03 0.11 25.45
CA TYR B 16 -0.25 0.66 24.11
C TYR B 16 -1.43 0.01 23.40
N GLU B 17 -2.28 -0.66 24.18
CA GLU B 17 -3.51 -1.29 23.65
C GLU B 17 -3.28 -2.12 22.38
N LEU B 18 -2.28 -2.99 22.43
CA LEU B 18 -2.04 -3.91 21.34
C LEU B 18 -2.67 -5.24 21.73
N THR B 19 -2.70 -6.16 20.78
CA THR B 19 -3.15 -7.52 21.06
CA THR B 19 -3.15 -7.51 21.07
C THR B 19 -2.09 -8.30 21.84
N ARG B 20 -2.53 -9.16 22.75
CA ARG B 20 -1.63 -9.99 23.55
C ARG B 20 -0.58 -10.75 22.72
N THR B 21 0.56 -11.03 23.33
CA THR B 21 1.63 -11.78 22.67
C THR B 21 1.13 -13.18 22.26
N HIS B 22 1.37 -13.58 21.01
CA HIS B 22 0.87 -14.89 20.58
C HIS B 22 1.32 -16.02 21.50
N SER B 23 0.37 -16.85 21.90
CA SER B 23 0.60 -17.95 22.83
C SER B 23 1.76 -18.89 22.46
N GLU B 24 1.97 -19.14 21.16
CA GLU B 24 3.09 -20.01 20.74
C GLU B 24 4.43 -19.30 20.82
N VAL B 25 4.43 -17.98 20.68
CA VAL B 25 5.66 -17.23 20.89
C VAL B 25 6.06 -17.27 22.37
N LEU B 26 5.10 -17.06 23.26
CA LEU B 26 5.36 -17.19 24.69
C LEU B 26 5.91 -18.59 25.00
N GLU B 27 5.35 -19.62 24.35
CA GLU B 27 5.85 -21.00 24.48
C GLU B 27 7.26 -21.18 23.89
N ALA B 28 7.50 -20.60 22.71
CA ALA B 28 8.77 -20.85 22.02
C ALA B 28 9.98 -20.38 22.81
N VAL B 29 9.89 -19.17 23.38
CA VAL B 29 11.02 -18.60 24.11
C VAL B 29 11.43 -19.36 25.37
N LYS B 30 10.67 -20.40 25.72
CA LYS B 30 11.10 -21.34 26.75
C LYS B 30 12.31 -22.16 26.30
N VAL B 31 12.44 -22.40 24.99
CA VAL B 31 13.62 -23.12 24.47
C VAL B 31 14.47 -22.34 23.45
N VAL B 32 13.84 -21.41 22.74
CA VAL B 32 14.58 -20.54 21.84
C VAL B 32 15.13 -19.38 22.63
N LYS B 33 16.45 -19.34 22.82
CA LYS B 33 17.08 -18.29 23.62
C LYS B 33 17.21 -17.00 22.78
N PRO B 34 17.52 -15.86 23.44
CA PRO B 34 17.70 -14.58 22.73
C PRO B 34 18.73 -14.62 21.62
N GLY B 35 18.35 -14.19 20.43
CA GLY B 35 19.27 -14.16 19.30
C GLY B 35 18.72 -13.33 18.16
N LYS B 36 19.39 -13.37 17.01
CA LYS B 36 18.94 -12.62 15.85
C LYS B 36 17.65 -13.21 15.31
N THR B 37 16.64 -12.36 15.19
CA THR B 37 15.27 -12.83 15.02
C THR B 37 14.55 -12.08 13.92
N LEU B 38 13.80 -12.82 13.11
CA LEU B 38 12.97 -12.22 12.07
C LEU B 38 11.48 -12.48 12.33
N ASP B 39 10.72 -11.41 12.54
CA ASP B 39 9.27 -11.53 12.71
C ASP B 39 8.63 -11.21 11.37
N LEU B 40 8.32 -12.26 10.61
CA LEU B 40 7.88 -12.12 9.22
C LEU B 40 6.38 -11.84 9.07
N GLY B 41 6.01 -10.57 9.05
CA GLY B 41 4.61 -10.18 9.09
C GLY B 41 4.24 -9.93 10.54
N CYS B 42 4.74 -8.85 11.11
CA CYS B 42 4.65 -8.62 12.56
C CYS B 42 3.32 -7.99 12.99
N GLY B 43 2.44 -7.72 12.03
CA GLY B 43 1.18 -7.06 12.32
C GLY B 43 1.42 -5.77 13.12
N ASN B 44 0.83 -5.70 14.31
CA ASN B 44 0.93 -4.50 15.16
C ASN B 44 2.17 -4.48 16.07
N GLY B 45 3.03 -5.49 15.96
CA GLY B 45 4.26 -5.49 16.76
C GLY B 45 4.26 -6.21 18.10
N ARG B 46 3.11 -6.76 18.51
CA ARG B 46 3.00 -7.47 19.78
C ARG B 46 4.20 -8.39 20.04
N ASN B 47 4.48 -9.28 19.10
CA ASN B 47 5.52 -10.29 19.30
C ASN B 47 6.93 -9.74 19.23
N SER B 48 7.17 -8.85 18.25
CA SER B 48 8.47 -8.18 18.11
C SER B 48 8.82 -7.33 19.33
N LEU B 49 7.83 -6.61 19.86
CA LEU B 49 8.02 -5.80 21.05
C LEU B 49 8.37 -6.67 22.26
N TYR B 50 7.62 -7.75 22.43
CA TYR B 50 7.91 -8.70 23.49
C TYR B 50 9.32 -9.25 23.40
N LEU B 51 9.70 -9.69 22.20
CA LEU B 51 10.98 -10.35 22.01
C LEU B 51 12.13 -9.37 22.18
N ALA B 52 12.00 -8.17 21.64
CA ALA B 52 13.04 -7.16 21.81
C ALA B 52 13.18 -6.79 23.27
N ALA B 53 12.07 -6.76 23.98
CA ALA B 53 12.12 -6.35 25.39
C ALA B 53 12.88 -7.41 26.17
N ASN B 54 12.84 -8.65 25.67
CA ASN B 54 13.49 -9.75 26.35
C ASN B 54 14.83 -10.14 25.72
N GLY B 55 15.53 -9.17 25.12
CA GLY B 55 16.90 -9.35 24.67
C GLY B 55 17.16 -9.93 23.28
N TYR B 56 16.10 -10.14 22.51
CA TYR B 56 16.22 -10.65 21.14
C TYR B 56 16.54 -9.47 20.20
N ASP B 57 17.31 -9.72 19.15
CA ASP B 57 17.56 -8.67 18.15
C ASP B 57 16.61 -8.85 16.95
N VAL B 58 15.57 -8.04 16.93
CA VAL B 58 14.40 -8.33 16.11
C VAL B 58 14.30 -7.47 14.87
N ASP B 59 14.20 -8.14 13.72
CA ASP B 59 13.79 -7.50 12.49
C ASP B 59 12.27 -7.69 12.36
N ALA B 60 11.53 -6.60 12.47
CA ALA B 60 10.07 -6.66 12.38
C ALA B 60 9.61 -6.14 11.04
N TRP B 61 9.04 -7.02 10.20
CA TRP B 61 8.66 -6.63 8.84
C TRP B 61 7.15 -6.76 8.65
N ASP B 62 6.56 -5.79 7.96
CA ASP B 62 5.13 -5.80 7.68
C ASP B 62 4.80 -4.91 6.50
N LYS B 63 3.63 -5.14 5.90
CA LYS B 63 3.24 -4.39 4.73
C LYS B 63 2.56 -3.06 5.09
N ASN B 64 2.06 -2.95 6.31
CA ASN B 64 1.27 -1.78 6.69
C ASN B 64 2.20 -0.71 7.26
N ALA B 65 2.39 0.38 6.52
CA ALA B 65 3.22 1.51 6.98
C ALA B 65 2.74 2.15 8.28
N MET B 66 1.42 2.25 8.47
CA MET B 66 0.86 2.84 9.68
C MET B 66 1.15 1.98 10.91
N SER B 67 0.95 0.67 10.79
CA SER B 67 1.33 -0.26 11.84
C SER B 67 2.81 -0.10 12.19
N ILE B 68 3.65 -0.10 11.15
CA ILE B 68 5.09 0.00 11.34
C ILE B 68 5.48 1.30 12.04
N ALA B 69 4.87 2.40 11.60
CA ALA B 69 5.11 3.69 12.23
C ALA B 69 4.82 3.65 13.73
N ASN B 70 3.74 2.95 14.10
CA ASN B 70 3.38 2.85 15.51
C ASN B 70 4.47 2.10 16.31
N VAL B 71 5.00 1.03 15.71
CA VAL B 71 6.10 0.29 16.34
C VAL B 71 7.36 1.17 16.54
N GLU B 72 7.64 2.01 15.55
CA GLU B 72 8.76 2.95 15.67
C GLU B 72 8.49 3.99 16.77
N ARG B 73 7.24 4.41 16.91
CA ARG B 73 6.85 5.33 17.97
C ARG B 73 7.09 4.71 19.36
N ILE B 74 6.70 3.45 19.53
CA ILE B 74 6.88 2.72 20.78
C ILE B 74 8.36 2.39 21.03
N LYS B 75 9.05 1.98 19.97
CA LYS B 75 10.49 1.75 20.03
C LYS B 75 11.22 2.95 20.60
N SER B 76 10.79 4.14 20.20
CA SER B 76 11.50 5.35 20.60
C SER B 76 11.14 5.75 22.02
N ILE B 77 9.89 5.52 22.41
CA ILE B 77 9.50 5.81 23.80
C ILE B 77 10.17 4.85 24.77
N GLU B 78 10.26 3.58 24.39
CA GLU B 78 10.77 2.54 25.29
C GLU B 78 12.26 2.25 25.10
N ASN B 79 12.92 3.01 24.23
CA ASN B 79 14.34 2.80 23.96
C ASN B 79 14.68 1.36 23.59
N LEU B 80 14.05 0.86 22.54
CA LEU B 80 14.28 -0.51 22.11
C LEU B 80 15.24 -0.52 20.91
N ASP B 81 16.52 -0.31 21.19
CA ASP B 81 17.53 -0.17 20.15
C ASP B 81 17.86 -1.50 19.43
N ASN B 82 17.42 -2.62 20.00
CA ASN B 82 17.56 -3.92 19.35
C ASN B 82 16.35 -4.29 18.47
N LEU B 83 15.55 -3.28 18.12
CA LEU B 83 14.39 -3.55 17.27
C LEU B 83 14.48 -2.71 16.00
N HIS B 84 14.33 -3.36 14.85
CA HIS B 84 14.43 -2.72 13.56
C HIS B 84 13.22 -3.04 12.69
N THR B 85 12.63 -2.02 12.08
CA THR B 85 11.40 -2.23 11.33
C THR B 85 11.61 -2.06 9.84
N ARG B 86 10.72 -2.66 9.06
CA ARG B 86 10.77 -2.55 7.62
C ARG B 86 9.37 -2.76 7.04
N VAL B 87 8.97 -1.90 6.12
CA VAL B 87 7.73 -2.06 5.38
C VAL B 87 8.03 -2.90 4.14
N VAL B 88 7.44 -4.09 4.08
CA VAL B 88 7.65 -4.98 2.93
C VAL B 88 6.37 -5.68 2.51
N ASP B 89 6.33 -6.04 1.23
CA ASP B 89 5.27 -6.83 0.66
C ASP B 89 5.73 -8.29 0.56
N LEU B 90 5.12 -9.17 1.36
CA LEU B 90 5.56 -10.56 1.46
C LEU B 90 5.45 -11.38 0.18
N ASN B 91 4.64 -10.92 -0.77
CA ASN B 91 4.46 -11.68 -2.01
C ASN B 91 5.57 -11.45 -3.00
N ASN B 92 6.36 -10.40 -2.77
CA ASN B 92 7.43 -10.04 -3.70
C ASN B 92 8.75 -9.85 -2.95
N LEU B 93 8.81 -10.49 -1.79
CA LEU B 93 9.98 -10.39 -0.90
C LEU B 93 10.98 -11.52 -1.09
N THR B 94 12.24 -11.15 -1.26
CA THR B 94 13.35 -12.10 -1.16
C THR B 94 14.32 -11.48 -0.16
N PHE B 95 14.92 -12.30 0.69
CA PHE B 95 15.78 -11.74 1.74
C PHE B 95 17.02 -12.60 2.03
N ASP B 96 18.04 -11.95 2.59
CA ASP B 96 19.24 -12.67 3.01
C ASP B 96 19.44 -12.55 4.52
N GLY B 97 20.44 -13.25 5.04
CA GLY B 97 20.77 -13.12 6.43
C GLY B 97 20.83 -14.46 7.13
N GLU B 98 21.23 -14.43 8.40
CA GLU B 98 21.40 -15.63 9.19
C GLU B 98 20.71 -15.38 10.51
N TYR B 99 19.61 -16.09 10.72
CA TYR B 99 18.77 -15.85 11.88
C TYR B 99 18.77 -17.04 12.81
N ASP B 100 18.68 -16.74 14.10
CA ASP B 100 18.54 -17.76 15.14
C ASP B 100 17.07 -18.21 15.28
N PHE B 101 16.16 -17.34 14.84
CA PHE B 101 14.74 -17.54 15.07
C PHE B 101 14.00 -16.78 13.96
N ILE B 102 13.14 -17.47 13.23
CA ILE B 102 12.21 -16.80 12.34
C ILE B 102 10.79 -17.19 12.76
N LEU B 103 9.90 -16.22 12.85
CA LEU B 103 8.53 -16.56 13.21
C LEU B 103 7.50 -16.00 12.26
N SER B 104 6.47 -16.80 12.03
CA SER B 104 5.36 -16.46 11.12
C SER B 104 4.02 -16.87 11.73
N THR B 105 3.38 -15.95 12.43
CA THR B 105 2.18 -16.31 13.17
C THR B 105 0.91 -15.82 12.45
N VAL B 106 0.11 -16.77 11.97
CA VAL B 106 -1.13 -16.48 11.23
C VAL B 106 -1.04 -15.34 10.21
N VAL B 107 0.01 -15.37 9.37
CA VAL B 107 0.11 -14.45 8.23
C VAL B 107 0.15 -15.15 6.86
N LEU B 108 0.57 -16.42 6.81
CA LEU B 108 0.68 -17.14 5.54
C LEU B 108 -0.63 -17.30 4.80
N MET B 109 -1.74 -17.40 5.54
CA MET B 109 -3.00 -17.69 4.89
C MET B 109 -3.49 -16.49 4.09
N PHE B 110 -2.87 -15.34 4.30
CA PHE B 110 -3.26 -14.14 3.56
C PHE B 110 -2.42 -13.86 2.32
N LEU B 111 -1.41 -14.69 2.05
CA LEU B 111 -0.56 -14.51 0.87
C LEU B 111 -1.11 -15.29 -0.31
N GLU B 112 -0.73 -14.89 -1.52
CA GLU B 112 -1.01 -15.67 -2.73
C GLU B 112 -0.50 -17.09 -2.52
N ALA B 113 -1.26 -18.09 -2.99
CA ALA B 113 -0.85 -19.46 -2.73
C ALA B 113 0.51 -19.76 -3.39
N LYS B 114 0.76 -19.16 -4.55
CA LYS B 114 2.02 -19.36 -5.29
C LYS B 114 3.25 -18.82 -4.55
N THR B 115 3.02 -17.99 -3.54
CA THR B 115 4.08 -17.32 -2.77
C THR B 115 4.74 -18.29 -1.79
N ILE B 116 3.95 -19.24 -1.31
CA ILE B 116 4.33 -20.03 -0.15
C ILE B 116 5.64 -20.83 -0.30
N PRO B 117 5.78 -21.63 -1.38
CA PRO B 117 6.97 -22.47 -1.46
C PRO B 117 8.28 -21.66 -1.43
N GLY B 118 8.35 -20.57 -2.19
CA GLY B 118 9.55 -19.76 -2.25
C GLY B 118 9.81 -19.05 -0.94
N LEU B 119 8.74 -18.61 -0.29
CA LEU B 119 8.89 -17.89 0.97
C LEU B 119 9.40 -18.83 2.06
N ILE B 120 8.91 -20.05 2.08
CA ILE B 120 9.38 -20.99 3.10
C ILE B 120 10.82 -21.40 2.80
N ALA B 121 11.14 -21.56 1.52
CA ALA B 121 12.51 -21.88 1.12
C ALA B 121 13.45 -20.79 1.64
N ASN B 122 13.07 -19.55 1.43
CA ASN B 122 13.87 -18.41 1.87
C ASN B 122 14.03 -18.39 3.41
N MET B 123 12.93 -18.56 4.16
CA MET B 123 13.00 -18.71 5.62
C MET B 123 14.02 -19.82 6.02
N GLN B 124 13.90 -20.98 5.38
CA GLN B 124 14.78 -22.08 5.72
C GLN B 124 16.25 -21.81 5.42
N ARG B 125 16.56 -21.19 4.29
CA ARG B 125 17.97 -21.04 3.97
C ARG B 125 18.62 -19.94 4.80
N CYS B 126 17.80 -19.06 5.38
CA CYS B 126 18.31 -17.95 6.20
C CYS B 126 18.27 -18.22 7.70
N THR B 127 18.08 -19.48 8.05
CA THR B 127 18.14 -19.92 9.45
C THR B 127 19.46 -20.64 9.69
N LYS B 128 20.12 -20.31 10.81
CA LYS B 128 21.39 -20.93 11.17
C LYS B 128 21.18 -22.37 11.62
N PRO B 129 22.24 -23.21 11.48
CA PRO B 129 22.22 -24.57 12.06
C PRO B 129 21.93 -24.45 13.54
N GLY B 130 20.98 -25.22 14.04
CA GLY B 130 20.53 -25.06 15.41
C GLY B 130 19.51 -23.96 15.64
N GLY B 131 19.19 -23.17 14.61
CA GLY B 131 18.21 -22.09 14.75
C GLY B 131 16.76 -22.56 14.60
N TYR B 132 15.79 -21.70 14.87
CA TYR B 132 14.39 -22.15 14.83
C TYR B 132 13.46 -21.41 13.84
N ASN B 133 12.46 -22.12 13.33
CA ASN B 133 11.30 -21.52 12.66
C ASN B 133 10.03 -21.88 13.43
N LEU B 134 9.25 -20.87 13.78
CA LEU B 134 7.91 -21.02 14.31
C LEU B 134 6.87 -20.61 13.26
N ILE B 135 5.95 -21.51 12.94
CA ILE B 135 4.87 -21.21 12.00
C ILE B 135 3.52 -21.64 12.53
N VAL B 136 2.52 -20.78 12.33
CA VAL B 136 1.16 -21.06 12.73
C VAL B 136 0.30 -20.59 11.58
N ALA B 137 -0.54 -21.47 11.05
CA ALA B 137 -1.36 -21.09 9.91
C ALA B 137 -2.63 -21.92 9.79
N ALA B 138 -3.65 -21.32 9.19
CA ALA B 138 -4.92 -21.99 8.99
C ALA B 138 -4.78 -23.18 8.03
N MET B 139 -5.65 -24.17 8.20
CA MET B 139 -5.63 -25.37 7.39
C MET B 139 -6.99 -25.62 6.71
N ASP B 140 -6.95 -26.31 5.58
CA ASP B 140 -8.15 -26.81 4.92
C ASP B 140 -8.05 -28.35 4.90
N THR B 141 -8.92 -29.01 5.65
CA THR B 141 -8.84 -30.46 5.80
C THR B 141 -10.17 -31.14 5.47
N ALA B 142 -10.14 -32.46 5.38
CA ALA B 142 -11.33 -33.25 5.10
C ALA B 142 -12.38 -33.13 6.19
N ASP B 143 -11.96 -33.21 7.45
CA ASP B 143 -12.92 -33.14 8.56
C ASP B 143 -13.29 -31.72 9.01
N TYR B 144 -12.43 -30.74 8.67
CA TYR B 144 -12.76 -29.34 8.90
C TYR B 144 -12.43 -28.50 7.66
N PRO B 145 -13.33 -28.53 6.66
CA PRO B 145 -13.14 -27.73 5.45
C PRO B 145 -13.07 -26.23 5.76
N CYS B 146 -12.25 -25.50 5.04
CA CYS B 146 -12.13 -24.06 5.25
C CYS B 146 -13.02 -23.31 4.25
N THR B 147 -14.18 -22.84 4.70
CA THR B 147 -15.10 -22.09 3.84
C THR B 147 -14.88 -20.58 3.87
N VAL B 148 -13.89 -20.13 4.65
CA VAL B 148 -13.67 -18.70 4.89
C VAL B 148 -13.23 -17.84 3.70
N GLY B 149 -12.35 -18.37 2.85
CA GLY B 149 -11.89 -17.62 1.69
C GLY B 149 -10.44 -17.15 1.74
N PHE B 150 -9.65 -17.70 2.65
CA PHE B 150 -8.23 -17.37 2.66
C PHE B 150 -7.65 -17.61 1.27
N PRO B 151 -6.77 -16.71 0.81
CA PRO B 151 -6.02 -17.02 -0.40
C PRO B 151 -5.16 -18.29 -0.23
N PHE B 152 -4.74 -18.62 0.99
CA PHE B 152 -3.93 -19.83 1.19
C PHE B 152 -4.29 -20.57 2.48
N ALA B 153 -4.25 -21.89 2.43
CA ALA B 153 -4.38 -22.72 3.61
C ALA B 153 -3.57 -24.03 3.45
N PHE B 154 -2.96 -24.50 4.54
CA PHE B 154 -2.17 -25.73 4.47
C PHE B 154 -3.09 -26.94 4.41
N LYS B 155 -2.74 -27.93 3.60
CA LYS B 155 -3.42 -29.22 3.61
C LYS B 155 -2.75 -30.05 4.69
N GLU B 156 -3.34 -31.19 5.08
CA GLU B 156 -2.75 -31.95 6.18
C GLU B 156 -1.41 -32.57 5.79
N GLY B 157 -0.46 -32.51 6.72
CA GLY B 157 0.88 -33.00 6.46
C GLY B 157 1.77 -32.08 5.63
N GLU B 158 1.17 -31.05 5.01
CA GLU B 158 1.90 -30.18 4.10
C GLU B 158 3.00 -29.34 4.78
N LEU B 159 2.68 -28.65 5.87
CA LEU B 159 3.70 -27.88 6.57
C LEU B 159 4.86 -28.80 7.02
N ARG B 160 4.54 -29.92 7.66
CA ARG B 160 5.54 -30.90 8.07
C ARG B 160 6.41 -31.35 6.88
N ARG B 161 5.78 -31.60 5.75
CA ARG B 161 6.49 -32.03 4.56
C ARG B 161 7.53 -30.97 4.13
N TYR B 162 7.18 -29.69 4.21
CA TYR B 162 8.10 -28.61 3.87
C TYR B 162 9.36 -28.66 4.74
N TYR B 163 9.19 -29.00 6.02
CA TYR B 163 10.30 -29.00 6.97
C TYR B 163 10.97 -30.37 7.17
N GLU B 164 10.77 -31.25 6.20
CA GLU B 164 11.50 -32.51 6.17
C GLU B 164 12.99 -32.25 6.38
N GLY B 165 13.61 -33.03 7.27
CA GLY B 165 15.03 -32.85 7.55
C GLY B 165 15.29 -31.99 8.79
N TRP B 166 14.26 -31.32 9.27
CA TRP B 166 14.35 -30.48 10.48
C TRP B 166 13.77 -31.20 11.70
N GLU B 167 14.19 -30.82 12.91
CA GLU B 167 13.57 -31.34 14.14
C GLU B 167 12.18 -30.76 14.31
N MET B 168 11.18 -31.62 14.47
CA MET B 168 9.84 -31.16 14.80
C MET B 168 9.81 -31.03 16.32
N VAL B 169 10.13 -29.85 16.83
CA VAL B 169 10.21 -29.67 18.27
C VAL B 169 8.79 -29.67 18.82
N LYS B 170 7.87 -29.12 18.03
CA LYS B 170 6.47 -29.12 18.36
C LYS B 170 5.74 -29.13 17.03
N TYR B 171 4.82 -30.06 16.86
CA TYR B 171 4.01 -30.12 15.64
C TYR B 171 2.66 -30.73 15.90
N ASN B 172 1.63 -30.00 15.53
CA ASN B 172 0.28 -30.54 15.53
C ASN B 172 -0.62 -29.79 14.54
N GLU B 173 -1.74 -30.43 14.20
CA GLU B 173 -2.72 -29.88 13.30
C GLU B 173 -4.07 -29.89 14.01
N ASP B 174 -4.00 -29.63 15.31
CA ASP B 174 -5.18 -29.61 16.18
C ASP B 174 -6.32 -28.72 15.70
N VAL B 175 -7.53 -29.14 16.02
CA VAL B 175 -8.71 -28.31 15.87
C VAL B 175 -8.58 -27.12 16.80
N GLY B 176 -8.70 -25.92 16.25
CA GLY B 176 -8.64 -24.70 17.03
C GLY B 176 -9.94 -23.94 16.81
N GLU B 177 -9.97 -22.68 17.23
CA GLU B 177 -11.10 -21.81 16.94
C GLU B 177 -10.67 -20.66 16.03
N LEU B 178 -11.54 -20.35 15.08
CA LEU B 178 -11.28 -19.24 14.17
C LEU B 178 -12.01 -18.00 14.70
N HIS B 179 -11.29 -16.88 14.82
CA HIS B 179 -11.90 -15.61 15.21
C HIS B 179 -13.06 -15.29 14.26
N ARG B 180 -14.17 -14.82 14.82
CA ARG B 180 -15.32 -14.39 14.03
C ARG B 180 -15.61 -12.90 14.21
N THR B 181 -16.33 -12.31 13.26
CA THR B 181 -16.59 -10.88 13.28
C THR B 181 -17.98 -10.60 13.82
N ASP B 182 -18.91 -11.51 13.59
CA ASP B 182 -20.29 -11.33 14.02
C ASP B 182 -20.45 -11.68 15.49
N ALA B 183 -20.85 -10.70 16.29
CA ALA B 183 -21.00 -10.88 17.74
C ALA B 183 -22.07 -11.95 18.07
N ASN B 184 -23.07 -12.06 17.20
CA ASN B 184 -24.17 -12.99 17.42
C ASN B 184 -23.92 -14.36 16.78
N GLY B 185 -22.71 -14.55 16.26
CA GLY B 185 -22.34 -15.81 15.66
C GLY B 185 -21.92 -16.87 16.67
N ASN B 186 -21.86 -18.11 16.21
CA ASN B 186 -21.37 -19.22 17.01
C ASN B 186 -19.89 -19.43 16.74
N ARG B 187 -19.22 -20.21 17.59
CA ARG B 187 -17.78 -20.41 17.43
C ARG B 187 -17.51 -21.16 16.13
N ILE B 188 -16.39 -20.85 15.50
CA ILE B 188 -16.04 -21.47 14.23
C ILE B 188 -14.82 -22.38 14.43
N LYS B 189 -14.99 -23.68 14.18
CA LYS B 189 -13.91 -24.64 14.35
C LYS B 189 -13.10 -24.75 13.08
N LEU B 190 -11.78 -24.91 13.23
CA LEU B 190 -10.88 -24.97 12.10
C LEU B 190 -9.60 -25.60 12.59
N ARG B 191 -8.98 -26.46 11.80
CA ARG B 191 -7.66 -26.97 12.16
C ARG B 191 -6.60 -25.91 11.85
N PHE B 192 -5.55 -25.86 12.69
CA PHE B 192 -4.38 -25.00 12.46
C PHE B 192 -3.12 -25.81 12.50
N ALA B 193 -2.24 -25.57 11.53
CA ALA B 193 -0.87 -26.10 11.58
C ALA B 193 -0.03 -25.24 12.53
N THR B 194 0.56 -25.89 13.52
CA THR B 194 1.43 -25.25 14.49
C THR B 194 2.75 -25.98 14.56
N MET B 195 3.84 -25.28 14.27
CA MET B 195 5.15 -25.92 14.16
C MET B 195 6.28 -25.03 14.72
N LEU B 196 7.04 -25.61 15.64
CA LEU B 196 8.32 -25.09 16.03
C LEU B 196 9.34 -26.10 15.53
N ALA B 197 10.13 -25.72 14.55
CA ALA B 197 11.09 -26.65 13.97
C ALA B 197 12.51 -26.13 14.20
N ARG B 198 13.46 -27.05 14.40
CA ARG B 198 14.84 -26.66 14.60
C ARG B 198 15.73 -27.21 13.48
N LYS B 199 16.53 -26.32 12.89
CA LYS B 199 17.42 -26.73 11.81
C LYS B 199 18.62 -27.51 12.34
N LYS B 200 19.03 -28.52 11.58
CA LYS B 200 20.15 -29.36 11.97
C LYS B 200 21.51 -28.83 11.47
N ALA C 3 9.43 -4.34 -37.81
CA ALA C 3 8.13 -4.69 -37.26
C ALA C 3 7.14 -3.52 -37.34
N MET C 4 5.87 -3.84 -37.59
CA MET C 4 4.86 -2.83 -37.89
C MET C 4 4.13 -2.32 -36.65
N ILE C 5 3.88 -1.01 -36.60
CA ILE C 5 3.10 -0.42 -35.52
C ILE C 5 1.61 -0.47 -35.86
N ILE C 6 0.82 -0.97 -34.91
CA ILE C 6 -0.62 -1.18 -35.12
C ILE C 6 -1.45 -0.12 -34.38
N ARG C 7 -1.05 0.21 -33.15
CA ARG C 7 -1.64 1.31 -32.42
C ARG C 7 -0.56 2.37 -32.18
N ASP C 8 -0.83 3.60 -32.61
CA ASP C 8 0.14 4.68 -32.43
C ASP C 8 0.05 5.38 -31.07
N GLU C 9 0.96 6.32 -30.83
CA GLU C 9 1.07 7.01 -29.54
C GLU C 9 -0.11 7.89 -29.18
N ASN C 10 -1.07 8.02 -30.09
CA ASN C 10 -2.25 8.81 -29.83
C ASN C 10 -3.44 7.92 -29.47
N TYR C 11 -3.37 6.66 -29.89
CA TYR C 11 -4.48 5.75 -29.73
C TYR C 11 -4.95 5.66 -28.26
N PHE C 12 -4.10 5.14 -27.37
CA PHE C 12 -4.50 5.02 -25.97
C PHE C 12 -4.62 6.40 -25.31
N THR C 13 -3.69 7.29 -25.66
CA THR C 13 -3.71 8.66 -25.15
C THR C 13 -5.10 9.27 -25.31
N ASP C 14 -5.65 9.16 -26.51
CA ASP C 14 -6.93 9.81 -26.84
C ASP C 14 -8.16 9.06 -26.30
N LYS C 15 -8.15 7.73 -26.42
CA LYS C 15 -9.32 6.92 -26.09
C LYS C 15 -9.58 6.83 -24.57
N TYR C 16 -8.51 6.76 -23.79
CA TYR C 16 -8.64 6.59 -22.35
C TYR C 16 -8.01 7.73 -21.55
N GLU C 17 -7.67 8.82 -22.23
CA GLU C 17 -7.12 10.02 -21.61
C GLU C 17 -5.90 9.72 -20.72
N LEU C 18 -4.94 9.01 -21.30
CA LEU C 18 -3.73 8.64 -20.60
C LEU C 18 -2.62 9.51 -21.14
N THR C 19 -1.52 9.59 -20.40
CA THR C 19 -0.36 10.34 -20.86
C THR C 19 0.21 9.70 -22.13
N ARG C 20 0.71 10.53 -23.03
CA ARG C 20 1.22 10.08 -24.32
C ARG C 20 2.36 9.08 -24.13
N THR C 21 2.47 8.14 -25.06
CA THR C 21 3.55 7.16 -25.04
C THR C 21 4.89 7.87 -24.93
N HIS C 22 5.68 7.51 -23.93
CA HIS C 22 6.97 8.17 -23.72
C HIS C 22 7.80 8.23 -25.00
N SER C 23 8.30 9.42 -25.32
CA SER C 23 9.02 9.62 -26.57
C SER C 23 10.16 8.61 -26.79
N GLU C 24 10.84 8.23 -25.70
CA GLU C 24 11.94 7.25 -25.79
C GLU C 24 11.49 5.81 -26.04
N VAL C 25 10.27 5.47 -25.66
CA VAL C 25 9.76 4.13 -25.96
C VAL C 25 9.47 4.06 -27.45
N LEU C 26 8.88 5.11 -27.99
CA LEU C 26 8.64 5.22 -29.43
C LEU C 26 9.92 4.97 -30.22
N GLU C 27 11.02 5.51 -29.71
CA GLU C 27 12.30 5.39 -30.38
C GLU C 27 12.91 4.03 -30.12
N ALA C 28 12.76 3.53 -28.90
CA ALA C 28 13.32 2.24 -28.55
C ALA C 28 12.84 1.11 -29.48
N VAL C 29 11.57 1.17 -29.90
CA VAL C 29 11.00 0.08 -30.71
C VAL C 29 11.55 -0.03 -32.14
N LYS C 30 12.32 0.95 -32.56
CA LYS C 30 12.90 0.91 -33.90
C LYS C 30 13.97 -0.17 -34.05
N VAL C 31 14.69 -0.43 -32.97
CA VAL C 31 15.68 -1.51 -32.96
C VAL C 31 15.27 -2.69 -32.07
N VAL C 32 14.36 -2.46 -31.12
CA VAL C 32 13.92 -3.55 -30.26
C VAL C 32 12.71 -4.25 -30.86
N LYS C 33 12.90 -5.50 -31.31
CA LYS C 33 11.81 -6.29 -31.86
C LYS C 33 10.78 -6.63 -30.79
N PRO C 34 9.51 -6.84 -31.19
CA PRO C 34 8.51 -7.38 -30.27
C PRO C 34 9.02 -8.65 -29.56
N GLY C 35 8.85 -8.70 -28.25
CA GLY C 35 9.36 -9.80 -27.45
C GLY C 35 9.01 -9.71 -25.97
N LYS C 36 9.66 -10.54 -25.17
CA LYS C 36 9.40 -10.63 -23.74
C LYS C 36 9.85 -9.37 -22.98
N THR C 37 8.87 -8.63 -22.46
CA THR C 37 9.08 -7.27 -21.98
C THR C 37 8.64 -7.06 -20.55
N LEU C 38 9.45 -6.32 -19.79
CA LEU C 38 9.11 -5.94 -18.44
C LEU C 38 9.05 -4.42 -18.32
N ASP C 39 7.87 -3.90 -18.02
CA ASP C 39 7.71 -2.47 -17.76
C ASP C 39 7.77 -2.26 -16.24
N LEU C 40 8.95 -1.86 -15.76
CA LEU C 40 9.24 -1.75 -14.33
C LEU C 40 8.80 -0.43 -13.73
N GLY C 41 7.53 -0.34 -13.32
CA GLY C 41 6.95 0.91 -12.89
C GLY C 41 6.14 1.49 -14.04
N CYS C 42 5.09 0.78 -14.45
CA CYS C 42 4.33 1.16 -15.63
C CYS C 42 3.41 2.36 -15.38
N GLY C 43 3.31 2.81 -14.13
CA GLY C 43 2.46 3.96 -13.82
C GLY C 43 1.04 3.77 -14.36
N ASN C 44 0.59 4.71 -15.19
CA ASN C 44 -0.75 4.60 -15.77
C ASN C 44 -0.86 3.60 -16.93
N GLY C 45 0.25 2.96 -17.28
CA GLY C 45 0.21 1.93 -18.31
C GLY C 45 0.36 2.40 -19.75
N ARG C 46 0.60 3.70 -19.96
CA ARG C 46 0.75 4.24 -21.32
C ARG C 46 1.67 3.39 -22.20
N ASN C 47 2.85 3.09 -21.68
CA ASN C 47 3.84 2.32 -22.42
C ASN C 47 3.49 0.85 -22.57
N SER C 48 3.06 0.22 -21.48
CA SER C 48 2.65 -1.19 -21.52
C SER C 48 1.57 -1.50 -22.55
N LEU C 49 0.59 -0.60 -22.64
CA LEU C 49 -0.54 -0.82 -23.54
C LEU C 49 -0.06 -0.66 -24.97
N TYR C 50 0.73 0.39 -25.20
CA TYR C 50 1.37 0.59 -26.49
C TYR C 50 2.11 -0.68 -26.95
N LEU C 51 3.00 -1.18 -26.11
CA LEU C 51 3.85 -2.30 -26.48
C LEU C 51 3.05 -3.60 -26.66
N ALA C 52 2.04 -3.79 -25.80
CA ALA C 52 1.20 -4.98 -25.89
C ALA C 52 0.37 -4.94 -27.17
N ALA C 53 -0.16 -3.78 -27.50
CA ALA C 53 -1.01 -3.68 -28.69
C ALA C 53 -0.17 -3.97 -29.92
N ASN C 54 1.11 -3.66 -29.86
CA ASN C 54 2.00 -3.80 -31.01
C ASN C 54 2.92 -5.03 -30.97
N GLY C 55 2.47 -6.08 -30.30
CA GLY C 55 3.14 -7.37 -30.38
C GLY C 55 4.11 -7.77 -29.28
N TYR C 56 4.31 -6.92 -28.26
CA TYR C 56 5.20 -7.24 -27.16
C TYR C 56 4.53 -8.08 -26.07
N ASP C 57 5.26 -9.02 -25.48
CA ASP C 57 4.77 -9.81 -24.34
C ASP C 57 5.08 -9.06 -23.05
N VAL C 58 4.09 -8.32 -22.54
CA VAL C 58 4.33 -7.31 -21.52
C VAL C 58 3.93 -7.72 -20.11
N ASP C 59 4.89 -7.61 -19.20
CA ASP C 59 4.58 -7.60 -17.78
C ASP C 59 4.55 -6.16 -17.32
N ALA C 60 3.39 -5.69 -16.89
CA ALA C 60 3.26 -4.33 -16.40
C ALA C 60 3.19 -4.33 -14.86
N TRP C 61 4.26 -3.87 -14.21
CA TRP C 61 4.34 -3.90 -12.76
C TRP C 61 4.35 -2.49 -12.15
N ASP C 62 3.54 -2.27 -11.13
CA ASP C 62 3.49 -0.96 -10.46
C ASP C 62 2.97 -1.13 -9.06
N LYS C 63 3.24 -0.16 -8.19
CA LYS C 63 2.86 -0.28 -6.78
C LYS C 63 1.40 0.11 -6.57
N ASN C 64 0.81 0.78 -7.55
CA ASN C 64 -0.52 1.36 -7.36
C ASN C 64 -1.66 0.46 -7.86
N ALA C 65 -2.33 -0.19 -6.94
CA ALA C 65 -3.40 -1.13 -7.29
C ALA C 65 -4.49 -0.49 -8.15
N MET C 66 -4.80 0.79 -7.91
CA MET C 66 -5.83 1.47 -8.71
C MET C 66 -5.41 1.74 -10.16
N SER C 67 -4.16 2.12 -10.37
CA SER C 67 -3.64 2.33 -11.73
C SER C 67 -3.68 1.00 -12.45
N ILE C 68 -3.14 -0.03 -11.79
CA ILE C 68 -3.17 -1.39 -12.33
C ILE C 68 -4.60 -1.89 -12.63
N ALA C 69 -5.56 -1.58 -11.77
CA ALA C 69 -6.94 -1.99 -12.06
C ALA C 69 -7.44 -1.29 -13.34
N ASN C 70 -7.13 -0.01 -13.48
CA ASN C 70 -7.47 0.71 -14.70
C ASN C 70 -6.76 0.08 -15.92
N VAL C 71 -5.50 -0.29 -15.76
CA VAL C 71 -4.85 -1.03 -16.83
C VAL C 71 -5.67 -2.27 -17.24
N GLU C 72 -6.08 -3.05 -16.24
CA GLU C 72 -6.85 -4.29 -16.49
C GLU C 72 -8.20 -3.99 -17.17
N ARG C 73 -8.85 -2.91 -16.73
CA ARG C 73 -10.05 -2.41 -17.41
C ARG C 73 -9.82 -2.22 -18.90
N ILE C 74 -8.77 -1.49 -19.24
CA ILE C 74 -8.42 -1.22 -20.64
C ILE C 74 -8.07 -2.49 -21.40
N LYS C 75 -7.24 -3.33 -20.79
CA LYS C 75 -6.87 -4.63 -21.33
C LYS C 75 -8.07 -5.42 -21.83
N SER C 76 -9.10 -5.47 -21.00
CA SER C 76 -10.28 -6.25 -21.31
C SER C 76 -11.06 -5.67 -22.48
N ILE C 77 -11.24 -4.35 -22.49
CA ILE C 77 -11.95 -3.70 -23.59
C ILE C 77 -11.21 -3.90 -24.91
N GLU C 78 -9.90 -3.71 -24.89
CA GLU C 78 -9.09 -3.81 -26.09
C GLU C 78 -8.70 -5.25 -26.42
N ASN C 79 -9.15 -6.19 -25.59
CA ASN C 79 -8.86 -7.61 -25.81
C ASN C 79 -7.36 -7.85 -26.01
N LEU C 80 -6.57 -7.36 -25.07
CA LEU C 80 -5.11 -7.51 -25.09
C LEU C 80 -4.70 -8.68 -24.23
N ASP C 81 -4.47 -9.84 -24.83
CA ASP C 81 -4.21 -11.02 -24.03
C ASP C 81 -2.74 -11.14 -23.62
N ASN C 82 -1.89 -10.35 -24.26
CA ASN C 82 -0.45 -10.43 -24.02
C ASN C 82 0.09 -9.41 -23.01
N LEU C 83 -0.80 -8.91 -22.15
CA LEU C 83 -0.44 -7.90 -21.15
C LEU C 83 -0.77 -8.45 -19.76
N HIS C 84 0.26 -8.63 -18.93
CA HIS C 84 0.06 -9.16 -17.59
C HIS C 84 0.48 -8.16 -16.53
N THR C 85 -0.44 -7.86 -15.62
CA THR C 85 -0.18 -6.85 -14.61
C THR C 85 0.21 -7.51 -13.30
N ARG C 86 0.79 -6.71 -12.41
CA ARG C 86 1.19 -7.17 -11.09
C ARG C 86 1.38 -5.93 -10.21
N VAL C 87 0.85 -6.00 -8.99
CA VAL C 87 1.12 -4.95 -8.01
C VAL C 87 2.34 -5.35 -7.17
N VAL C 88 3.41 -4.55 -7.25
CA VAL C 88 4.65 -4.82 -6.52
C VAL C 88 5.30 -3.50 -6.10
N ASP C 89 5.97 -3.50 -4.94
CA ASP C 89 6.77 -2.34 -4.58
C ASP C 89 8.23 -2.56 -4.96
N LEU C 90 8.78 -1.62 -5.72
CA LEU C 90 10.11 -1.79 -6.28
C LEU C 90 11.22 -1.68 -5.24
N ASN C 91 10.89 -1.18 -4.05
CA ASN C 91 11.88 -1.10 -2.98
C ASN C 91 12.21 -2.43 -2.28
N ASN C 92 11.31 -3.39 -2.41
CA ASN C 92 11.48 -4.69 -1.76
C ASN C 92 11.25 -5.83 -2.75
N LEU C 93 11.39 -5.52 -4.03
CA LEU C 93 11.16 -6.47 -5.10
C LEU C 93 12.44 -7.17 -5.55
N THR C 94 12.36 -8.49 -5.62
CA THR C 94 13.38 -9.27 -6.30
C THR C 94 12.63 -10.16 -7.28
N PHE C 95 13.22 -10.40 -8.45
CA PHE C 95 12.48 -11.16 -9.46
C PHE C 95 13.34 -12.03 -10.36
N ASP C 96 12.68 -12.92 -11.09
CA ASP C 96 13.34 -13.79 -12.07
C ASP C 96 12.81 -13.44 -13.44
N GLY C 97 13.40 -14.05 -14.47
CA GLY C 97 12.95 -13.86 -15.83
C GLY C 97 14.10 -13.84 -16.81
N GLU C 98 13.76 -13.99 -18.09
CA GLU C 98 14.69 -13.79 -19.18
C GLU C 98 14.04 -12.87 -20.21
N TYR C 99 14.32 -11.56 -20.08
CA TYR C 99 13.67 -10.56 -20.90
C TYR C 99 14.44 -10.16 -22.16
N ASP C 100 13.70 -9.91 -23.23
CA ASP C 100 14.24 -9.26 -24.42
C ASP C 100 14.35 -7.76 -24.15
N PHE C 101 13.48 -7.23 -23.27
CA PHE C 101 13.32 -5.78 -23.09
C PHE C 101 12.87 -5.43 -21.66
N ILE C 102 13.61 -4.56 -21.01
CA ILE C 102 13.23 -4.07 -19.69
C ILE C 102 13.31 -2.57 -19.74
N LEU C 103 12.19 -1.90 -19.42
CA LEU C 103 12.15 -0.44 -19.44
C LEU C 103 11.79 0.16 -18.08
N SER C 104 12.45 1.27 -17.78
CA SER C 104 12.21 2.03 -16.56
C SER C 104 12.20 3.52 -16.87
N THR C 105 11.03 4.07 -17.16
CA THR C 105 10.92 5.47 -17.53
C THR C 105 10.55 6.36 -16.34
N VAL C 106 11.48 7.24 -15.97
CA VAL C 106 11.32 8.18 -14.86
C VAL C 106 10.63 7.54 -13.66
N VAL C 107 11.32 6.58 -13.06
CA VAL C 107 10.76 5.81 -11.97
C VAL C 107 11.79 5.65 -10.84
N LEU C 108 13.05 5.54 -11.21
CA LEU C 108 14.08 5.15 -10.24
C LEU C 108 14.37 6.23 -9.21
N MET C 109 14.02 7.48 -9.52
CA MET C 109 14.37 8.55 -8.62
C MET C 109 13.43 8.55 -7.42
N PHE C 110 12.39 7.73 -7.48
CA PHE C 110 11.43 7.64 -6.40
C PHE C 110 11.73 6.48 -5.47
N LEU C 111 12.80 5.75 -5.79
CA LEU C 111 13.20 4.60 -5.02
C LEU C 111 14.22 5.01 -3.97
N GLU C 112 14.29 4.24 -2.88
CA GLU C 112 15.27 4.44 -1.85
C GLU C 112 16.67 4.31 -2.45
N ALA C 113 17.51 5.29 -2.16
CA ALA C 113 18.89 5.28 -2.60
C ALA C 113 19.51 3.88 -2.60
N LYS C 114 19.31 3.14 -1.51
CA LYS C 114 19.98 1.85 -1.31
C LYS C 114 19.42 0.69 -2.14
N THR C 115 18.21 0.88 -2.67
CA THR C 115 17.57 -0.11 -3.53
C THR C 115 18.25 -0.20 -4.90
N ILE C 116 18.88 0.89 -5.33
CA ILE C 116 19.27 1.04 -6.73
C ILE C 116 20.27 0.02 -7.26
N PRO C 117 21.37 -0.22 -6.53
CA PRO C 117 22.37 -1.16 -7.05
C PRO C 117 21.78 -2.55 -7.19
N GLY C 118 21.01 -3.00 -6.20
CA GLY C 118 20.37 -4.29 -6.25
C GLY C 118 19.31 -4.37 -7.35
N LEU C 119 18.58 -3.28 -7.56
CA LEU C 119 17.53 -3.31 -8.60
C LEU C 119 18.15 -3.39 -9.98
N ILE C 120 19.20 -2.61 -10.19
CA ILE C 120 19.87 -2.56 -11.48
C ILE C 120 20.52 -3.88 -11.81
N ALA C 121 21.23 -4.44 -10.83
CA ALA C 121 21.86 -5.74 -11.02
C ALA C 121 20.79 -6.76 -11.41
N ASN C 122 19.67 -6.77 -10.70
CA ASN C 122 18.58 -7.70 -10.95
C ASN C 122 18.07 -7.54 -12.39
N MET C 123 17.87 -6.30 -12.81
CA MET C 123 17.50 -5.97 -14.18
C MET C 123 18.43 -6.62 -15.19
N GLN C 124 19.73 -6.41 -15.00
CA GLN C 124 20.75 -6.88 -15.92
C GLN C 124 20.72 -8.40 -15.97
N ARG C 125 20.81 -8.99 -14.78
CA ARG C 125 20.72 -10.44 -14.59
C ARG C 125 19.60 -11.09 -15.42
N CYS C 126 18.44 -10.45 -15.44
CA CYS C 126 17.27 -11.02 -16.12
C CYS C 126 17.11 -10.58 -17.56
N THR C 127 18.15 -10.01 -18.12
CA THR C 127 18.09 -9.60 -19.51
C THR C 127 18.83 -10.63 -20.35
N LYS C 128 18.25 -10.98 -21.50
CA LYS C 128 18.87 -11.93 -22.41
C LYS C 128 20.11 -11.32 -23.06
N PRO C 129 21.07 -12.17 -23.46
CA PRO C 129 22.10 -11.69 -24.39
C PRO C 129 21.41 -11.16 -25.67
N GLY C 130 21.86 -10.01 -26.15
CA GLY C 130 21.20 -9.33 -27.25
C GLY C 130 19.95 -8.57 -26.82
N GLY C 131 19.61 -8.66 -25.53
CA GLY C 131 18.47 -7.95 -24.95
C GLY C 131 18.73 -6.49 -24.61
N TYR C 132 17.68 -5.72 -24.36
CA TYR C 132 17.77 -4.26 -24.14
C TYR C 132 17.26 -3.79 -22.78
N ASN C 133 17.94 -2.80 -22.20
CA ASN C 133 17.45 -2.11 -21.02
C ASN C 133 17.30 -0.62 -21.32
N LEU C 134 16.08 -0.10 -21.17
CA LEU C 134 15.83 1.33 -21.34
C LEU C 134 15.59 2.01 -20.00
N ILE C 135 16.38 3.03 -19.72
CA ILE C 135 16.28 3.74 -18.46
C ILE C 135 16.35 5.22 -18.70
N VAL C 136 15.36 5.93 -18.16
CA VAL C 136 15.36 7.38 -18.13
C VAL C 136 15.13 7.82 -16.70
N ALA C 137 16.07 8.59 -16.15
CA ALA C 137 15.95 9.06 -14.78
C ALA C 137 16.58 10.45 -14.57
N ALA C 138 16.10 11.15 -13.55
CA ALA C 138 16.60 12.48 -13.21
C ALA C 138 18.01 12.40 -12.64
N MET C 139 18.77 13.48 -12.80
CA MET C 139 20.16 13.53 -12.32
C MET C 139 20.40 14.64 -11.31
N ASP C 140 21.45 14.47 -10.50
CA ASP C 140 21.96 15.53 -9.64
C ASP C 140 23.38 15.84 -10.09
N THR C 141 23.58 17.00 -10.70
CA THR C 141 24.87 17.33 -11.31
C THR C 141 25.43 18.66 -10.83
N ALA C 142 26.69 18.91 -11.18
CA ALA C 142 27.37 20.16 -10.82
C ALA C 142 26.67 21.39 -11.37
N ASP C 143 26.39 21.40 -12.67
CA ASP C 143 25.77 22.57 -13.31
C ASP C 143 24.25 22.62 -13.13
N TYR C 144 23.62 21.46 -12.95
CA TYR C 144 22.19 21.41 -12.61
C TYR C 144 21.96 20.58 -11.36
N PRO C 145 22.19 21.18 -10.19
CA PRO C 145 21.97 20.48 -8.93
C PRO C 145 20.48 20.23 -8.69
N CYS C 146 20.15 19.04 -8.18
CA CYS C 146 18.76 18.70 -7.93
C CYS C 146 18.35 19.09 -6.52
N THR C 147 17.46 20.08 -6.40
CA THR C 147 16.98 20.49 -5.09
C THR C 147 15.62 19.89 -4.79
N VAL C 148 15.08 19.15 -5.74
CA VAL C 148 13.72 18.62 -5.63
C VAL C 148 13.48 17.80 -4.37
N GLY C 149 14.38 16.86 -4.08
CA GLY C 149 14.22 16.02 -2.91
C GLY C 149 13.83 14.58 -3.23
N PHE C 150 14.08 14.17 -4.48
CA PHE C 150 13.99 12.78 -4.87
C PHE C 150 14.76 11.94 -3.88
N PRO C 151 14.23 10.75 -3.54
CA PRO C 151 15.01 9.84 -2.69
C PRO C 151 16.29 9.46 -3.40
N PHE C 152 16.23 9.35 -4.73
CA PHE C 152 17.41 8.99 -5.52
C PHE C 152 17.57 9.80 -6.80
N ALA C 153 18.83 9.99 -7.19
CA ALA C 153 19.13 10.66 -8.45
C ALA C 153 20.51 10.25 -8.94
N PHE C 154 20.67 10.11 -10.25
CA PHE C 154 21.97 9.76 -10.81
C PHE C 154 22.97 10.90 -10.78
N LYS C 155 24.22 10.57 -10.52
CA LYS C 155 25.33 11.49 -10.73
C LYS C 155 25.90 11.31 -12.14
N GLU C 156 26.86 12.16 -12.50
CA GLU C 156 27.48 12.12 -13.83
C GLU C 156 28.25 10.82 -14.07
N GLY C 157 27.93 10.14 -15.18
CA GLY C 157 28.56 8.89 -15.53
C GLY C 157 28.00 7.67 -14.81
N GLU C 158 27.16 7.87 -13.80
CA GLU C 158 26.74 6.78 -12.91
C GLU C 158 25.99 5.65 -13.63
N LEU C 159 24.97 6.02 -14.40
CA LEU C 159 24.18 5.06 -15.15
C LEU C 159 25.06 4.29 -16.14
N ARG C 160 25.85 5.01 -16.93
CA ARG C 160 26.81 4.40 -17.86
C ARG C 160 27.70 3.37 -17.16
N ARG C 161 28.26 3.75 -16.01
CA ARG C 161 29.17 2.88 -15.28
C ARG C 161 28.47 1.65 -14.71
N TYR C 162 27.18 1.78 -14.40
CA TYR C 162 26.39 0.59 -14.05
C TYR C 162 26.38 -0.43 -15.18
N TYR C 163 26.28 0.05 -16.42
CA TYR C 163 26.20 -0.83 -17.59
C TYR C 163 27.50 -1.03 -18.35
N GLU C 164 28.62 -0.93 -17.66
CA GLU C 164 29.91 -1.30 -18.22
C GLU C 164 29.76 -2.70 -18.78
N GLY C 165 30.23 -2.91 -20.01
CA GLY C 165 30.15 -4.21 -20.65
C GLY C 165 29.01 -4.35 -21.65
N TRP C 166 27.98 -3.53 -21.48
CA TRP C 166 26.85 -3.49 -22.41
C TRP C 166 27.17 -2.54 -23.54
N GLU C 167 26.52 -2.72 -24.68
CA GLU C 167 26.62 -1.73 -25.74
C GLU C 167 25.76 -0.54 -25.36
N MET C 168 26.28 0.67 -25.53
CA MET C 168 25.50 1.87 -25.31
C MET C 168 24.91 2.32 -26.65
N VAL C 169 23.76 1.77 -27.01
CA VAL C 169 23.08 2.12 -28.24
C VAL C 169 22.75 3.61 -28.25
N LYS C 170 22.19 4.10 -27.15
CA LYS C 170 22.00 5.52 -26.91
C LYS C 170 22.32 5.88 -25.45
N TYR C 171 22.93 7.05 -25.27
CA TYR C 171 23.21 7.55 -23.92
C TYR C 171 23.52 9.04 -23.94
N ASN C 172 22.78 9.79 -23.12
CA ASN C 172 23.11 11.19 -22.91
C ASN C 172 22.66 11.65 -21.52
N GLU C 173 23.20 12.78 -21.08
CA GLU C 173 22.81 13.36 -19.81
C GLU C 173 22.31 14.78 -20.09
N ASP C 174 21.55 14.90 -21.17
CA ASP C 174 21.09 16.20 -21.66
C ASP C 174 20.16 16.93 -20.68
N VAL C 175 20.18 18.25 -20.75
CA VAL C 175 19.29 19.08 -19.96
C VAL C 175 17.88 18.94 -20.50
N GLY C 176 16.97 18.50 -19.64
CA GLY C 176 15.56 18.47 -19.98
C GLY C 176 14.80 19.39 -19.03
N GLU C 177 13.48 19.30 -19.02
CA GLU C 177 12.68 20.14 -18.16
C GLU C 177 11.94 19.27 -17.19
N LEU C 178 11.92 19.69 -15.92
CA LEU C 178 11.22 18.92 -14.90
C LEU C 178 9.84 19.53 -14.67
N HIS C 179 8.81 18.70 -14.70
CA HIS C 179 7.44 19.19 -14.48
C HIS C 179 7.36 19.90 -13.14
N ARG C 180 6.56 20.95 -13.08
CA ARG C 180 6.32 21.64 -11.83
C ARG C 180 4.85 21.53 -11.44
N THR C 181 4.55 21.73 -10.16
CA THR C 181 3.17 21.70 -9.67
C THR C 181 2.52 23.08 -9.72
N ASP C 182 3.33 24.11 -9.49
CA ASP C 182 2.84 25.47 -9.35
C ASP C 182 2.59 26.10 -10.71
N ALA C 183 1.34 26.47 -10.98
CA ALA C 183 0.99 27.13 -12.22
C ALA C 183 1.67 28.48 -12.33
N ASN C 184 1.78 29.16 -11.18
CA ASN C 184 2.42 30.47 -11.10
C ASN C 184 3.93 30.39 -11.05
N GLY C 185 4.50 29.30 -11.56
CA GLY C 185 5.93 29.08 -11.47
C GLY C 185 6.66 29.15 -12.80
N ASN C 186 7.99 29.10 -12.73
CA ASN C 186 8.83 29.15 -13.92
C ASN C 186 9.41 27.77 -14.27
N ARG C 187 9.82 27.62 -15.52
CA ARG C 187 10.43 26.40 -16.01
C ARG C 187 11.57 25.93 -15.09
N ILE C 188 11.61 24.62 -14.84
CA ILE C 188 12.63 24.02 -13.99
C ILE C 188 13.57 23.17 -14.82
N LYS C 189 14.83 23.55 -14.90
CA LYS C 189 15.81 22.83 -15.72
C LYS C 189 16.53 21.76 -14.91
N LEU C 190 16.71 20.58 -15.52
CA LEU C 190 17.37 19.46 -14.87
C LEU C 190 17.98 18.54 -15.93
N ARG C 191 19.10 17.91 -15.61
CA ARG C 191 19.64 16.90 -16.50
C ARG C 191 18.91 15.58 -16.30
N PHE C 192 18.69 14.85 -17.38
CA PHE C 192 18.17 13.50 -17.28
C PHE C 192 19.11 12.52 -17.99
N ALA C 193 19.47 11.46 -17.26
CA ALA C 193 20.19 10.33 -17.84
C ALA C 193 19.26 9.46 -18.69
N THR C 194 19.48 9.47 -19.99
CA THR C 194 18.76 8.62 -20.93
C THR C 194 19.70 7.56 -21.48
N MET C 195 19.32 6.29 -21.30
CA MET C 195 20.13 5.15 -21.76
C MET C 195 19.28 4.08 -22.41
N LEU C 196 19.67 3.69 -23.62
CA LEU C 196 19.20 2.44 -24.21
C LEU C 196 20.44 1.58 -24.39
N ALA C 197 20.59 0.59 -23.52
CA ALA C 197 21.75 -0.29 -23.56
C ALA C 197 21.38 -1.63 -24.18
N ARG C 198 22.38 -2.35 -24.67
CA ARG C 198 22.17 -3.72 -25.12
C ARG C 198 23.22 -4.65 -24.51
N LYS C 199 22.74 -5.73 -23.89
CA LYS C 199 23.60 -6.73 -23.26
C LYS C 199 24.37 -7.53 -24.31
N LYS C 200 25.63 -7.79 -24.03
CA LYS C 200 26.43 -8.65 -24.87
C LYS C 200 26.18 -10.11 -24.52
N ILE D 5 13.92 49.04 -2.40
CA ILE D 5 13.77 47.80 -3.17
C ILE D 5 12.80 46.83 -2.49
N ILE D 6 12.22 45.93 -3.28
CA ILE D 6 11.23 44.99 -2.76
C ILE D 6 11.71 43.54 -2.79
N ARG D 7 11.43 42.83 -1.71
CA ARG D 7 11.71 41.40 -1.61
C ARG D 7 10.41 40.62 -1.77
N ASP D 8 9.79 40.79 -2.93
CA ASP D 8 8.55 40.09 -3.23
C ASP D 8 8.87 38.69 -3.73
N GLU D 9 7.89 38.03 -4.34
CA GLU D 9 8.10 36.68 -4.83
C GLU D 9 9.11 36.63 -5.98
N ASN D 10 9.61 37.80 -6.38
CA ASN D 10 10.53 37.88 -7.50
C ASN D 10 11.97 38.18 -7.12
N TYR D 11 12.19 38.68 -5.91
CA TYR D 11 13.53 39.09 -5.50
C TYR D 11 14.57 37.96 -5.55
N PHE D 12 14.42 36.96 -4.69
CA PHE D 12 15.37 35.86 -4.65
C PHE D 12 15.23 35.01 -5.88
N THR D 13 14.00 34.88 -6.36
CA THR D 13 13.68 34.13 -7.56
C THR D 13 14.57 34.54 -8.74
N ASP D 14 14.59 35.84 -9.04
CA ASP D 14 15.34 36.39 -10.17
C ASP D 14 16.83 36.52 -9.85
N LYS D 15 17.13 37.13 -8.70
CA LYS D 15 18.50 37.44 -8.34
C LYS D 15 19.34 36.18 -8.14
N TYR D 16 18.74 35.11 -7.64
CA TYR D 16 19.50 33.91 -7.34
C TYR D 16 19.08 32.66 -8.12
N GLU D 17 18.20 32.86 -9.10
CA GLU D 17 17.72 31.77 -9.97
C GLU D 17 17.07 30.63 -9.20
N LEU D 18 16.18 30.97 -8.27
CA LEU D 18 15.45 29.94 -7.54
C LEU D 18 14.05 29.76 -8.09
N THR D 19 13.50 28.59 -7.83
CA THR D 19 12.08 28.38 -7.99
C THR D 19 11.31 29.51 -7.30
N ARG D 20 10.19 29.92 -7.88
CA ARG D 20 9.39 31.01 -7.32
C ARG D 20 8.76 30.65 -5.98
N THR D 21 8.76 31.60 -5.06
CA THR D 21 8.11 31.47 -3.77
C THR D 21 6.76 30.74 -3.91
N HIS D 22 6.58 29.64 -3.20
CA HIS D 22 5.36 28.86 -3.38
C HIS D 22 4.10 29.72 -3.21
N SER D 23 3.17 29.56 -4.15
CA SER D 23 1.90 30.24 -4.15
C SER D 23 1.18 30.25 -2.79
N GLU D 24 1.07 29.08 -2.16
CA GLU D 24 0.38 28.97 -0.88
C GLU D 24 1.12 29.69 0.25
N VAL D 25 2.43 29.82 0.13
CA VAL D 25 3.17 30.60 1.10
C VAL D 25 2.79 32.07 0.96
N LEU D 26 2.62 32.53 -0.28
CA LEU D 26 2.23 33.93 -0.50
C LEU D 26 0.85 34.22 0.07
N GLU D 27 -0.05 33.26 -0.02
CA GLU D 27 -1.41 33.44 0.50
C GLU D 27 -1.44 33.38 2.03
N ALA D 28 -0.60 32.53 2.60
CA ALA D 28 -0.63 32.28 4.04
C ALA D 28 -0.21 33.49 4.86
N VAL D 29 0.78 34.22 4.37
CA VAL D 29 1.32 35.36 5.09
C VAL D 29 0.33 36.51 5.19
N LYS D 30 -0.77 36.40 4.43
CA LYS D 30 -1.86 37.36 4.55
C LYS D 30 -2.68 37.02 5.78
N VAL D 31 -2.41 35.86 6.36
CA VAL D 31 -3.12 35.39 7.54
C VAL D 31 -2.16 35.18 8.71
N VAL D 32 -1.04 34.52 8.45
CA VAL D 32 -0.08 34.23 9.49
C VAL D 32 0.86 35.41 9.69
N LYS D 33 0.82 36.03 10.86
CA LYS D 33 1.69 37.16 11.16
C LYS D 33 3.16 36.73 11.35
N PRO D 34 4.11 37.63 11.07
CA PRO D 34 5.52 37.34 11.33
C PRO D 34 5.72 36.70 12.70
N GLY D 35 6.39 35.55 12.71
CA GLY D 35 6.68 34.86 13.96
C GLY D 35 7.79 33.83 13.80
N LYS D 36 7.99 33.01 14.83
CA LYS D 36 9.00 31.97 14.80
C LYS D 36 8.55 30.78 13.91
N THR D 37 9.39 30.44 12.95
CA THR D 37 8.96 29.58 11.85
C THR D 37 9.88 28.43 11.57
N LEU D 38 9.28 27.30 11.22
CA LEU D 38 10.03 26.13 10.76
C LEU D 38 9.62 25.81 9.33
N ASP D 39 10.60 25.80 8.45
CA ASP D 39 10.39 25.39 7.07
C ASP D 39 10.97 23.99 6.97
N LEU D 40 10.11 22.98 7.05
CA LEU D 40 10.54 21.58 7.18
C LEU D 40 10.69 20.99 5.79
N GLY D 41 11.91 20.98 5.28
CA GLY D 41 12.17 20.60 3.90
C GLY D 41 12.13 21.84 3.03
N CYS D 42 13.10 22.73 3.23
CA CYS D 42 13.06 24.05 2.59
C CYS D 42 13.53 24.03 1.14
N GLY D 43 14.06 22.87 0.72
CA GLY D 43 14.59 22.71 -0.63
C GLY D 43 15.64 23.76 -0.96
N ASN D 44 15.45 24.47 -2.06
CA ASN D 44 16.37 25.53 -2.46
C ASN D 44 16.28 26.77 -1.56
N GLY D 45 15.26 26.83 -0.71
CA GLY D 45 15.16 27.88 0.29
C GLY D 45 14.32 29.06 -0.14
N ARG D 46 13.64 28.95 -1.28
CA ARG D 46 12.78 30.01 -1.79
C ARG D 46 11.85 30.59 -0.73
N ASN D 47 11.19 29.73 0.04
CA ASN D 47 10.20 30.18 1.00
C ASN D 47 10.81 30.77 2.28
N SER D 48 11.80 30.07 2.82
CA SER D 48 12.54 30.55 3.98
C SER D 48 13.16 31.93 3.73
N LEU D 49 13.68 32.13 2.53
CA LEU D 49 14.31 33.40 2.19
C LEU D 49 13.26 34.50 2.19
N TYR D 50 12.20 34.28 1.42
CA TYR D 50 11.10 35.21 1.35
C TYR D 50 10.59 35.58 2.74
N LEU D 51 10.29 34.57 3.55
CA LEU D 51 9.79 34.77 4.90
C LEU D 51 10.78 35.54 5.79
N ALA D 52 12.03 35.10 5.78
CA ALA D 52 13.09 35.74 6.58
C ALA D 52 13.32 37.17 6.14
N ALA D 53 13.19 37.40 4.83
CA ALA D 53 13.33 38.74 4.27
C ALA D 53 12.12 39.60 4.67
N ASN D 54 11.13 39.00 5.31
CA ASN D 54 9.89 39.71 5.59
C ASN D 54 9.40 39.69 7.05
N GLY D 55 10.32 39.48 8.00
CA GLY D 55 9.99 39.59 9.41
C GLY D 55 9.88 38.27 10.19
N TYR D 56 9.88 37.15 9.50
CA TYR D 56 9.77 35.85 10.17
C TYR D 56 11.13 35.33 10.64
N ASP D 57 11.17 34.77 11.85
CA ASP D 57 12.36 34.12 12.36
C ASP D 57 12.35 32.65 11.92
N VAL D 58 13.20 32.30 10.97
CA VAL D 58 13.06 31.03 10.27
C VAL D 58 14.16 30.03 10.58
N ASP D 59 13.77 28.79 10.87
CA ASP D 59 14.70 27.67 10.83
C ASP D 59 14.44 26.95 9.52
N ALA D 60 15.47 26.85 8.68
CA ALA D 60 15.31 26.21 7.38
C ALA D 60 16.08 24.89 7.36
N TRP D 61 15.34 23.77 7.28
CA TRP D 61 15.93 22.43 7.33
C TRP D 61 15.72 21.64 6.04
N ASP D 62 16.74 20.89 5.62
CA ASP D 62 16.68 20.09 4.40
C ASP D 62 17.82 19.08 4.42
N LYS D 63 17.65 18.00 3.65
CA LYS D 63 18.64 16.93 3.63
C LYS D 63 19.80 17.28 2.70
N ASN D 64 19.54 18.14 1.73
CA ASN D 64 20.50 18.47 0.71
C ASN D 64 21.51 19.48 1.22
N ALA D 65 22.72 19.01 1.51
CA ALA D 65 23.77 19.85 2.05
C ALA D 65 24.10 21.04 1.14
N MET D 66 24.24 20.79 -0.16
CA MET D 66 24.54 21.86 -1.12
C MET D 66 23.49 22.97 -1.09
N SER D 67 22.22 22.59 -1.07
CA SER D 67 21.14 23.58 -0.99
C SER D 67 21.29 24.42 0.28
N ILE D 68 21.60 23.75 1.38
CA ILE D 68 21.79 24.45 2.64
C ILE D 68 22.99 25.40 2.56
N ALA D 69 24.09 24.92 2.01
CA ALA D 69 25.28 25.75 1.86
C ALA D 69 24.92 26.94 1.00
N ASN D 70 24.12 26.72 -0.03
CA ASN D 70 23.72 27.83 -0.88
C ASN D 70 22.83 28.84 -0.15
N VAL D 71 21.84 28.35 0.58
CA VAL D 71 21.04 29.21 1.44
C VAL D 71 21.92 30.06 2.36
N GLU D 72 22.92 29.43 2.97
CA GLU D 72 23.90 30.15 3.81
C GLU D 72 24.66 31.23 3.05
N ARG D 73 25.13 30.88 1.86
CA ARG D 73 25.83 31.83 1.00
C ARG D 73 24.95 33.05 0.81
N ILE D 74 23.69 32.80 0.51
CA ILE D 74 22.74 33.90 0.29
C ILE D 74 22.48 34.67 1.57
N LYS D 75 22.26 33.94 2.67
CA LYS D 75 22.05 34.55 3.98
C LYS D 75 23.13 35.57 4.29
N SER D 76 24.37 35.25 3.95
CA SER D 76 25.49 36.14 4.26
C SER D 76 25.46 37.41 3.37
N ILE D 77 25.17 37.20 2.09
CA ILE D 77 25.13 38.29 1.12
C ILE D 77 24.08 39.33 1.49
N GLU D 78 22.94 38.86 1.99
CA GLU D 78 21.77 39.69 2.22
C GLU D 78 21.58 40.03 3.70
N ASN D 79 22.52 39.60 4.53
CA ASN D 79 22.45 39.79 5.98
C ASN D 79 21.10 39.39 6.58
N LEU D 80 20.69 38.15 6.31
CA LEU D 80 19.49 37.64 6.93
C LEU D 80 19.87 36.92 8.21
N ASP D 81 20.11 37.69 9.27
CA ASP D 81 20.58 37.11 10.52
C ASP D 81 19.43 36.48 11.32
N ASN D 82 18.22 36.55 10.76
CA ASN D 82 17.07 35.88 11.35
C ASN D 82 16.74 34.57 10.61
N LEU D 83 17.74 34.03 9.93
CA LEU D 83 17.61 32.77 9.22
C LEU D 83 18.68 31.78 9.69
N HIS D 84 18.26 30.56 10.03
CA HIS D 84 19.16 29.56 10.55
C HIS D 84 18.92 28.24 9.83
N THR D 85 19.99 27.59 9.42
CA THR D 85 19.86 26.39 8.60
C THR D 85 20.34 25.12 9.29
N ARG D 86 19.91 23.99 8.76
CA ARG D 86 20.29 22.70 9.29
C ARG D 86 20.08 21.64 8.21
N VAL D 87 21.05 20.75 8.08
CA VAL D 87 20.94 19.58 7.22
C VAL D 87 20.34 18.48 8.10
N VAL D 88 19.20 17.94 7.67
CA VAL D 88 18.51 16.91 8.43
C VAL D 88 17.97 15.83 7.49
N ASP D 89 17.81 14.62 8.00
CA ASP D 89 17.14 13.56 7.25
C ASP D 89 15.72 13.44 7.76
N LEU D 90 14.75 13.87 6.96
CA LEU D 90 13.37 13.94 7.43
C LEU D 90 12.80 12.54 7.73
N ASN D 91 13.35 11.51 7.09
CA ASN D 91 13.01 10.13 7.42
C ASN D 91 13.56 9.66 8.75
N ASN D 92 14.53 10.39 9.29
CA ASN D 92 15.15 10.05 10.59
C ASN D 92 15.36 11.33 11.37
N LEU D 93 14.26 11.94 11.77
CA LEU D 93 14.32 13.22 12.44
C LEU D 93 13.27 13.32 13.54
N THR D 94 13.76 13.69 14.73
CA THR D 94 12.90 14.05 15.83
C THR D 94 13.40 15.39 16.31
N PHE D 95 12.48 16.32 16.54
CA PHE D 95 12.88 17.64 16.98
C PHE D 95 11.93 18.16 18.06
N ASP D 96 12.40 19.14 18.82
CA ASP D 96 11.55 19.82 19.79
C ASP D 96 11.46 21.30 19.41
N GLY D 97 10.79 22.10 20.23
CA GLY D 97 10.65 23.51 19.93
C GLY D 97 9.21 24.00 20.01
N GLU D 98 9.04 25.31 19.88
CA GLU D 98 7.74 25.95 19.95
C GLU D 98 7.65 26.95 18.81
N TYR D 99 6.79 26.67 17.83
CA TYR D 99 6.71 27.48 16.63
C TYR D 99 5.37 28.17 16.44
N ASP D 100 5.41 29.38 15.89
CA ASP D 100 4.18 30.06 15.47
C ASP D 100 3.73 29.57 14.12
N PHE D 101 4.65 28.94 13.39
CA PHE D 101 4.41 28.61 12.01
C PHE D 101 5.33 27.50 11.54
N ILE D 102 4.73 26.44 10.99
CA ILE D 102 5.49 25.35 10.39
C ILE D 102 4.94 25.11 8.98
N LEU D 103 5.83 25.11 8.00
CA LEU D 103 5.38 24.83 6.64
C LEU D 103 6.10 23.66 6.02
N SER D 104 5.38 22.96 5.15
CA SER D 104 5.91 21.83 4.45
C SER D 104 5.24 21.82 3.09
N THR D 105 5.89 22.43 2.13
CA THR D 105 5.28 22.55 0.81
C THR D 105 5.97 21.61 -0.16
N VAL D 106 5.17 20.74 -0.77
CA VAL D 106 5.64 19.74 -1.73
C VAL D 106 6.94 19.08 -1.24
N VAL D 107 6.86 18.53 -0.04
CA VAL D 107 7.99 17.85 0.57
C VAL D 107 7.61 16.41 0.95
N LEU D 108 6.45 16.24 1.57
CA LEU D 108 6.06 14.95 2.15
C LEU D 108 5.96 13.80 1.15
N MET D 109 5.54 14.08 -0.08
CA MET D 109 5.36 12.99 -1.03
C MET D 109 6.66 12.27 -1.39
N PHE D 110 7.79 12.83 -0.99
CA PHE D 110 9.08 12.19 -1.24
C PHE D 110 9.57 11.33 -0.08
N LEU D 111 8.85 11.35 1.04
CA LEU D 111 9.30 10.63 2.23
C LEU D 111 8.75 9.19 2.26
N GLU D 112 9.38 8.34 3.06
CA GLU D 112 8.85 6.97 3.29
C GLU D 112 7.50 7.07 3.95
N ALA D 113 6.55 6.24 3.52
CA ALA D 113 5.21 6.29 4.07
C ALA D 113 5.21 6.05 5.59
N LYS D 114 6.18 5.29 6.08
CA LYS D 114 6.27 5.02 7.52
C LYS D 114 6.76 6.25 8.29
N THR D 115 7.24 7.26 7.58
CA THR D 115 7.72 8.47 8.23
C THR D 115 6.57 9.43 8.59
N ILE D 116 5.50 9.37 7.80
CA ILE D 116 4.47 10.39 7.84
C ILE D 116 3.78 10.61 9.20
N PRO D 117 3.26 9.52 9.82
CA PRO D 117 2.51 9.73 11.07
C PRO D 117 3.34 10.42 12.15
N GLY D 118 4.57 9.98 12.35
CA GLY D 118 5.41 10.49 13.42
C GLY D 118 5.87 11.92 13.16
N LEU D 119 6.17 12.21 11.90
CA LEU D 119 6.60 13.54 11.51
C LEU D 119 5.43 14.53 11.68
N ILE D 120 4.27 14.15 11.18
CA ILE D 120 3.12 15.02 11.38
C ILE D 120 2.86 15.24 12.86
N ALA D 121 2.97 14.19 13.67
CA ALA D 121 2.73 14.35 15.09
C ALA D 121 3.79 15.27 15.71
N ASN D 122 5.01 15.17 15.22
CA ASN D 122 6.09 16.03 15.69
C ASN D 122 5.81 17.51 15.33
N MET D 123 5.33 17.75 14.11
CA MET D 123 4.96 19.12 13.67
C MET D 123 3.89 19.67 14.59
N GLN D 124 2.90 18.85 14.86
CA GLN D 124 1.78 19.26 15.69
C GLN D 124 2.20 19.59 17.12
N ARG D 125 2.93 18.70 17.77
CA ARG D 125 3.27 18.99 19.15
C ARG D 125 4.22 20.19 19.29
N CYS D 126 4.98 20.50 18.24
CA CYS D 126 5.92 21.62 18.30
C CYS D 126 5.31 22.90 17.73
N THR D 127 3.98 22.90 17.58
CA THR D 127 3.27 24.09 17.16
C THR D 127 2.58 24.70 18.37
N LYS D 128 2.76 26.00 18.57
CA LYS D 128 2.15 26.68 19.69
C LYS D 128 0.64 26.81 19.52
N PRO D 129 -0.11 26.75 20.65
CA PRO D 129 -1.55 26.98 20.55
C PRO D 129 -1.80 28.29 19.81
N GLY D 130 -2.74 28.31 18.88
CA GLY D 130 -2.94 29.51 18.09
C GLY D 130 -1.98 29.63 16.92
N GLY D 131 -1.00 28.72 16.81
CA GLY D 131 -0.06 28.71 15.70
C GLY D 131 -0.61 28.00 14.47
N TYR D 132 0.12 28.05 13.35
CA TYR D 132 -0.35 27.44 12.10
C TYR D 132 0.58 26.39 11.49
N ASN D 133 -0.01 25.38 10.84
CA ASN D 133 0.73 24.50 9.94
C ASN D 133 0.21 24.63 8.53
N LEU D 134 1.15 24.78 7.59
CA LEU D 134 0.83 24.86 6.17
C LEU D 134 1.39 23.62 5.49
N ILE D 135 0.52 22.86 4.85
CA ILE D 135 0.96 21.64 4.17
C ILE D 135 0.37 21.55 2.78
N VAL D 136 1.23 21.36 1.78
CA VAL D 136 0.82 21.06 0.41
C VAL D 136 1.50 19.76 -0.01
N ALA D 137 0.74 18.81 -0.51
CA ALA D 137 1.34 17.53 -0.90
C ALA D 137 0.47 16.74 -1.87
N ALA D 138 1.11 15.95 -2.74
CA ALA D 138 0.41 15.16 -3.75
C ALA D 138 -0.53 14.11 -3.14
N MET D 139 -1.58 13.75 -3.88
CA MET D 139 -2.58 12.79 -3.40
C MET D 139 -2.66 11.58 -4.33
N ASP D 140 -3.36 10.55 -3.86
CA ASP D 140 -3.56 9.33 -4.60
C ASP D 140 -5.01 8.97 -4.31
N THR D 141 -5.88 9.10 -5.31
CA THR D 141 -7.32 9.00 -5.08
C THR D 141 -7.96 8.08 -6.12
N ALA D 142 -9.20 7.69 -5.86
CA ALA D 142 -9.93 6.81 -6.77
C ALA D 142 -10.07 7.40 -8.17
N ASP D 143 -10.39 8.69 -8.26
CA ASP D 143 -10.58 9.33 -9.56
C ASP D 143 -9.26 9.80 -10.20
N TYR D 144 -8.25 10.02 -9.38
CA TYR D 144 -6.91 10.33 -9.87
C TYR D 144 -5.84 9.52 -9.13
N PRO D 145 -5.70 8.24 -9.48
CA PRO D 145 -4.68 7.47 -8.77
C PRO D 145 -3.26 7.98 -9.08
N CYS D 146 -2.36 7.94 -8.11
CA CYS D 146 -0.99 8.41 -8.34
C CYS D 146 -0.31 7.59 -9.45
N THR D 147 0.09 8.26 -10.52
CA THR D 147 0.69 7.57 -11.65
C THR D 147 2.17 7.89 -11.69
N VAL D 148 2.60 8.62 -10.68
CA VAL D 148 3.96 9.12 -10.63
C VAL D 148 4.83 8.17 -9.86
N GLY D 149 4.26 7.55 -8.83
CA GLY D 149 5.00 6.62 -7.99
C GLY D 149 5.73 7.30 -6.85
N PHE D 150 5.15 8.39 -6.34
CA PHE D 150 5.66 9.00 -5.12
C PHE D 150 5.70 7.97 -4.02
N PRO D 151 6.77 7.98 -3.21
CA PRO D 151 6.86 7.11 -2.02
C PRO D 151 5.67 7.27 -1.06
N PHE D 152 5.11 8.48 -1.00
CA PHE D 152 3.94 8.75 -0.19
C PHE D 152 2.99 9.71 -0.87
N ALA D 153 1.70 9.45 -0.77
CA ALA D 153 0.68 10.39 -1.24
C ALA D 153 -0.54 10.30 -0.34
N PHE D 154 -1.14 11.44 -0.01
CA PHE D 154 -2.31 11.44 0.85
C PHE D 154 -3.53 10.84 0.16
N LYS D 155 -4.32 10.08 0.93
CA LYS D 155 -5.62 9.61 0.48
C LYS D 155 -6.69 10.66 0.77
N GLU D 156 -7.88 10.48 0.21
CA GLU D 156 -8.92 11.47 0.39
C GLU D 156 -9.32 11.57 1.88
N GLY D 157 -9.37 12.78 2.41
CA GLY D 157 -9.69 12.98 3.82
C GLY D 157 -8.51 12.75 4.78
N GLU D 158 -7.44 12.13 4.30
CA GLU D 158 -6.35 11.76 5.19
C GLU D 158 -5.65 12.96 5.90
N LEU D 159 -5.40 14.04 5.16
CA LEU D 159 -4.73 15.19 5.76
C LEU D 159 -5.64 15.89 6.76
N ARG D 160 -6.88 16.14 6.35
CA ARG D 160 -7.93 16.64 7.25
C ARG D 160 -7.98 15.84 8.56
N ARG D 161 -8.07 14.52 8.43
CA ARG D 161 -8.17 13.66 9.62
C ARG D 161 -6.91 13.73 10.51
N TYR D 162 -5.74 13.83 9.90
CA TYR D 162 -4.53 14.05 10.70
C TYR D 162 -4.69 15.28 11.57
N TYR D 163 -5.43 16.27 11.06
CA TYR D 163 -5.56 17.56 11.76
C TYR D 163 -6.89 17.77 12.47
N GLU D 164 -7.51 16.66 12.85
CA GLU D 164 -8.71 16.73 13.67
C GLU D 164 -8.40 17.54 14.95
N GLY D 165 -9.27 18.47 15.30
CA GLY D 165 -9.04 19.31 16.45
C GLY D 165 -8.29 20.60 16.16
N TRP D 166 -7.86 20.77 14.92
CA TRP D 166 -7.36 22.08 14.46
C TRP D 166 -8.43 22.73 13.62
N GLU D 167 -8.31 24.05 13.46
CA GLU D 167 -9.23 24.79 12.60
C GLU D 167 -8.78 24.75 11.15
N MET D 168 -9.64 24.28 10.24
CA MET D 168 -9.32 24.29 8.82
C MET D 168 -9.57 25.68 8.24
N VAL D 169 -8.53 26.52 8.26
CA VAL D 169 -8.64 27.90 7.78
C VAL D 169 -8.81 27.85 6.26
N LYS D 170 -7.97 27.02 5.66
CA LYS D 170 -8.02 26.72 4.25
C LYS D 170 -7.79 25.21 4.12
N TYR D 171 -8.66 24.54 3.36
CA TYR D 171 -8.48 23.11 3.09
C TYR D 171 -9.09 22.74 1.75
N ASN D 172 -8.29 22.12 0.89
CA ASN D 172 -8.84 21.54 -0.34
C ASN D 172 -8.04 20.36 -0.90
N GLU D 173 -8.70 19.56 -1.73
CA GLU D 173 -8.03 18.44 -2.37
C GLU D 173 -8.29 18.55 -3.85
N ASP D 174 -8.11 19.77 -4.36
CA ASP D 174 -8.46 20.12 -5.73
C ASP D 174 -7.61 19.43 -6.79
N VAL D 175 -8.16 19.34 -8.00
CA VAL D 175 -7.40 18.79 -9.12
C VAL D 175 -6.31 19.79 -9.56
N GLY D 176 -5.05 19.36 -9.52
CA GLY D 176 -3.95 20.17 -10.04
C GLY D 176 -3.30 19.51 -11.25
N GLU D 177 -2.10 19.96 -11.61
CA GLU D 177 -1.37 19.30 -12.68
C GLU D 177 0.14 19.40 -12.52
N LEU D 178 0.83 18.36 -12.97
CA LEU D 178 2.26 18.45 -13.22
C LEU D 178 2.41 18.88 -14.67
N HIS D 179 3.09 20.00 -14.90
CA HIS D 179 3.23 20.51 -16.25
C HIS D 179 4.63 20.98 -16.58
N ARG D 180 5.08 20.61 -17.76
CA ARG D 180 6.36 21.05 -18.30
C ARG D 180 6.03 21.86 -19.56
N THR D 181 6.47 23.11 -19.58
CA THR D 181 6.20 24.01 -20.70
C THR D 181 6.60 23.44 -22.06
N GLY D 185 5.75 19.42 -24.76
CA GLY D 185 4.73 19.74 -23.77
C GLY D 185 4.00 18.52 -23.22
N ASN D 186 3.60 18.58 -21.96
CA ASN D 186 2.95 17.44 -21.30
C ASN D 186 2.28 17.85 -19.99
N ARG D 187 1.06 17.35 -19.76
CA ARG D 187 0.33 17.65 -18.53
C ARG D 187 -0.19 16.41 -17.82
N ILE D 188 0.07 16.32 -16.53
CA ILE D 188 -0.40 15.20 -15.73
C ILE D 188 -1.38 15.68 -14.65
N LYS D 189 -2.65 15.34 -14.79
CA LYS D 189 -3.65 15.70 -13.79
C LYS D 189 -3.54 14.83 -12.54
N LEU D 190 -3.55 15.48 -11.38
CA LEU D 190 -3.57 14.81 -10.08
C LEU D 190 -4.07 15.78 -9.01
N ARG D 191 -4.62 15.23 -7.94
CA ARG D 191 -5.07 16.06 -6.83
C ARG D 191 -3.92 16.35 -5.88
N PHE D 192 -4.01 17.52 -5.23
CA PHE D 192 -3.07 17.95 -4.21
C PHE D 192 -3.85 18.34 -2.95
N ALA D 193 -3.39 17.85 -1.80
CA ALA D 193 -3.97 18.25 -0.52
C ALA D 193 -3.27 19.53 -0.09
N THR D 194 -4.05 20.60 0.04
CA THR D 194 -3.59 21.92 0.46
C THR D 194 -4.33 22.31 1.74
N MET D 195 -3.58 22.57 2.79
CA MET D 195 -4.14 22.84 4.13
C MET D 195 -3.40 23.99 4.84
N LEU D 196 -4.16 24.99 5.27
CA LEU D 196 -3.68 25.94 6.25
C LEU D 196 -4.53 25.72 7.50
N ALA D 197 -3.89 25.16 8.52
CA ALA D 197 -4.59 24.83 9.76
C ALA D 197 -4.03 25.60 10.95
N ARG D 198 -4.93 25.96 11.86
CA ARG D 198 -4.57 26.68 13.06
C ARG D 198 -4.88 25.85 14.31
N LYS D 199 -3.92 25.79 15.22
CA LYS D 199 -4.04 24.96 16.42
C LYS D 199 -4.86 25.68 17.48
N LYS D 200 -5.82 24.98 18.07
CA LYS D 200 -6.72 25.57 19.07
C LYS D 200 -6.33 25.21 20.51
C3' NHE E . -18.90 -7.70 -21.11
C2' NHE E . -20.37 -7.93 -21.24
C1' NHE E . -21.14 -6.68 -20.90
C6' NHE E . -20.69 -5.51 -21.73
N NHE E . -22.58 -6.89 -21.07
C1 NHE E . -23.25 -5.60 -21.00
C2 NHE E . -24.71 -5.82 -20.72
S NHE E . -25.52 -4.23 -20.62
O1 NHE E . -26.95 -4.39 -20.49
O2 NHE E . -25.39 -3.51 -21.87
O3 NHE E . -24.98 -3.46 -19.49
C5' NHE E . -19.21 -5.34 -21.67
C4' NHE E . -18.50 -6.61 -22.03
C3' NHE F . -12.05 -12.97 8.74
C2' NHE F . -13.49 -12.92 9.15
C1' NHE F . -14.15 -14.27 9.05
C6' NHE F . -13.42 -15.28 9.89
N NHE F . -15.58 -14.20 9.40
C1 NHE F . -16.18 -15.53 9.55
C2 NHE F . -17.68 -15.44 9.38
S NHE F . -18.37 -14.11 10.36
O1 NHE F . -19.77 -13.86 10.05
O2 NHE F . -17.78 -12.85 9.99
O3 NHE F . -18.20 -14.38 11.81
C5' NHE F . -11.96 -15.31 9.53
C4' NHE F . -11.30 -13.96 9.58
C3' NHE G . -6.44 -15.42 11.63
C2' NHE G . -6.09 -14.93 13.00
C1' NHE G . -6.30 -13.45 13.02
C6' NHE G . -7.73 -13.13 12.77
N NHE G . -5.82 -12.83 14.27
C1 NHE G . -5.64 -13.81 15.33
C2 NHE G . -5.07 -13.10 16.54
S NHE G . -4.23 -14.30 17.57
O1 NHE G . -5.12 -15.36 17.98
O2 NHE G . -3.85 -13.73 18.85
O3 NHE G . -3.05 -14.83 16.85
C5' NHE G . -8.18 -13.67 11.44
C4' NHE G . -7.87 -15.12 11.31
C3' NHE H . 8.97 13.47 -12.09
C2' NHE H . 8.97 13.28 -13.57
C1' NHE H . 7.70 12.64 -14.05
C6' NHE H . 6.49 13.40 -13.60
N NHE H . 7.69 12.53 -15.51
C1 NHE H . 6.38 12.13 -15.99
C2 NHE H . 5.93 13.06 -17.09
S NHE H . 6.36 12.42 -18.70
O1 NHE H . 5.32 11.57 -19.21
O2 NHE H . 7.49 11.53 -18.63
O3 NHE H . 6.61 13.55 -19.63
C5' NHE H . 6.52 13.63 -12.13
C4' NHE H . 7.79 14.31 -11.71
C3' NHE I . 8.37 16.97 -9.82
C2' NHE I . 9.07 18.13 -9.18
C1' NHE I . 8.14 18.99 -8.37
C6' NHE I . 7.31 18.18 -7.42
N NHE I . 8.91 19.97 -7.62
C1 NHE I . 8.52 21.31 -7.99
C2 NHE I . 7.11 21.55 -7.49
S NHE I . 6.86 23.31 -7.46
O1 NHE I . 6.42 23.81 -8.74
O2 NHE I . 8.13 23.96 -7.28
O3 NHE I . 5.92 23.68 -6.38
C5' NHE I . 6.70 16.98 -8.06
C4' NHE I . 7.72 16.16 -8.77
#